data_9M0I
#
_entry.id   9M0I
#
_cell.length_a   54.270
_cell.length_b   80.441
_cell.length_c   76.599
_cell.angle_alpha   90.000
_cell.angle_beta   103.200
_cell.angle_gamma   90.000
#
_symmetry.space_group_name_H-M   'P 1 21 1'
#
loop_
_entity.id
_entity.type
_entity.pdbx_description
1 polymer Lactoperoxidase
2 branched 2-acetamido-2-deoxy-beta-D-glucopyranose-(1-4)-2-acetamido-2-deoxy-beta-D-glucopyranose
3 non-polymer 'PROTOPORPHYRIN IX CONTAINING FE'
4 non-polymer 'CALCIUM ION'
5 non-polymer 2-acetamido-2-deoxy-beta-D-glucopyranose
6 non-polymer 'IODIDE ION'
7 non-polymer 'THIOCYANATE ION'
8 non-polymer 'HYDROGEN PEROXIDE'
9 non-polymer GLYCEROL
10 water water
#
_entity_poly.entity_id   1
_entity_poly.type   'polypeptide(L)'
_entity_poly.pdbx_seq_one_letter_code
;SWEVGCGAPVPLVKCDENSPYRTITGDCNNRRSPALGAANRALARWLPAEYEDGLALPFGWTQRKTRNGFRVPLAREVSN
KIVGYLDEEGVLDQNRSLLFMQWGQIVDHDLDFAPETELGSNEHSKTQCEEYCIQGDNCFPIMFPKNDPKLKTQGKCMPF
FRAGFVCPTPPYQSLAREQINAVTSFLDASLVYGSEPSLASRLRNLSSPLGLMAVNQEAWDHGLAYLPFNNKKPSPCEFI
NTTARVPCFLAGDFRASEQILLATAHTLLLREHNRLARELKKLNPHWNGEKLYQEARKILGAFIQIITFRDYLPIVLGSE
MQKWIPPYQGYNNSVDPRISNVFTFAFRFGHMEVPSTVSRLDENYQPWGPEAELPLHTLFFNTWRIIKDGGIDPLVRGLL
AKKSKLMNQDKMVTSELRNKLFQPTHKIHGFDLAAINLQRCRDHGMPGYNSWRGFCGLSQPKTLKGLQTVLKNKILAKKL
MDLYKTPDNIDIWIGGNAEPMVERGRVGPLLACLLGRQFQQIRDGDRFWWENPGVFTEKQRDSLQKVSFSRLICDNTHIT
KVPLHAFQANNYPHDFVDCSTVDKLDLSPWASREN
;
_entity_poly.pdbx_strand_id   A
#
loop_
_chem_comp.id
_chem_comp.type
_chem_comp.name
_chem_comp.formula
CA non-polymer 'CALCIUM ION' 'Ca 2'
GOL non-polymer GLYCEROL 'C3 H8 O3'
HEM non-polymer 'PROTOPORPHYRIN IX CONTAINING FE' 'C34 H32 Fe N4 O4'
IOD non-polymer 'IODIDE ION' 'I -1'
NAG D-saccharide, beta linking 2-acetamido-2-deoxy-beta-D-glucopyranose 'C8 H15 N O6'
PEO non-polymer 'HYDROGEN PEROXIDE' 'H2 O2'
SCN non-polymer 'THIOCYANATE ION' 'C N S -1'
#
# COMPACT_ATOMS: atom_id res chain seq x y z
N SER A 1 7.95 -24.26 -24.67
CA SER A 1 6.66 -24.94 -24.99
C SER A 1 5.48 -24.07 -24.56
N TRP A 2 5.44 -23.72 -23.26
CA TRP A 2 4.27 -23.10 -22.65
C TRP A 2 4.34 -21.59 -22.77
N GLU A 3 5.53 -21.02 -22.54
CA GLU A 3 5.73 -19.57 -22.60
C GLU A 3 7.02 -19.28 -23.38
N VAL A 4 7.27 -17.99 -23.64
CA VAL A 4 8.42 -17.53 -24.39
C VAL A 4 9.69 -17.57 -23.52
N GLY A 5 9.51 -17.88 -22.22
CA GLY A 5 10.61 -17.92 -21.26
C GLY A 5 11.16 -16.54 -20.95
N CYS A 6 10.27 -15.54 -20.90
CA CYS A 6 10.68 -14.15 -20.84
C CYS A 6 11.51 -13.90 -19.58
N GLY A 7 12.67 -13.24 -19.75
CA GLY A 7 13.57 -12.86 -18.66
C GLY A 7 13.88 -11.37 -18.68
N ALA A 8 12.96 -10.58 -18.11
CA ALA A 8 13.01 -9.14 -18.18
C ALA A 8 14.12 -8.59 -17.27
N PRO A 9 14.11 -8.86 -15.93
CA PRO A 9 15.13 -8.32 -15.03
C PRO A 9 16.51 -8.75 -15.50
N VAL A 10 17.56 -8.13 -14.97
CA VAL A 10 18.91 -8.62 -15.19
C VAL A 10 18.88 -10.11 -14.89
N PRO A 11 19.08 -11.02 -15.88
CA PRO A 11 18.99 -12.46 -15.62
C PRO A 11 20.05 -12.90 -14.61
N LEU A 12 21.10 -12.09 -14.48
CA LEU A 12 22.28 -12.42 -13.68
C LEU A 12 22.06 -11.98 -12.23
N VAL A 13 22.00 -12.98 -11.32
CA VAL A 13 21.96 -12.75 -9.88
C VAL A 13 22.57 -13.98 -9.18
N LYS A 14 23.58 -13.75 -8.34
CA LYS A 14 24.29 -14.80 -7.63
C LYS A 14 23.63 -14.94 -6.26
N CYS A 15 23.51 -16.18 -5.73
CA CYS A 15 22.60 -16.39 -4.61
C CYS A 15 23.31 -16.43 -3.24
N ASP A 16 24.33 -17.30 -3.09
CA ASP A 16 25.02 -17.51 -1.82
C ASP A 16 24.05 -17.98 -0.73
N GLU A 17 23.51 -19.20 -0.91
CA GLU A 17 22.46 -19.74 -0.07
C GLU A 17 22.95 -20.01 1.35
N ASN A 18 24.23 -19.70 1.62
CA ASN A 18 24.76 -19.62 2.97
C ASN A 18 24.12 -18.47 3.75
N SER A 19 23.87 -17.34 3.07
CA SER A 19 23.57 -16.07 3.71
C SER A 19 22.44 -16.19 4.74
N PRO A 20 22.60 -15.56 5.91
CA PRO A 20 21.52 -15.46 6.90
C PRO A 20 20.51 -14.34 6.65
N TYR A 21 20.77 -13.49 5.65
CA TYR A 21 19.95 -12.30 5.42
C TYR A 21 19.26 -12.35 4.05
N ARG A 22 18.10 -11.69 3.96
CA ARG A 22 17.44 -11.50 2.68
C ARG A 22 18.30 -10.64 1.77
N THR A 23 18.26 -10.90 0.45
CA THR A 23 18.71 -9.92 -0.52
C THR A 23 17.75 -8.73 -0.53
N ILE A 24 18.20 -7.63 -1.13
CA ILE A 24 17.41 -6.42 -1.25
C ILE A 24 16.35 -6.63 -2.33
N THR A 25 16.70 -7.35 -3.41
CA THR A 25 15.80 -7.55 -4.54
C THR A 25 14.76 -8.64 -4.27
N GLY A 26 14.95 -9.47 -3.24
CA GLY A 26 14.02 -10.57 -3.02
C GLY A 26 14.45 -11.86 -3.71
N ASP A 27 15.46 -11.78 -4.57
CA ASP A 27 16.07 -12.96 -5.16
C ASP A 27 16.60 -13.88 -4.06
N CYS A 28 16.64 -15.17 -4.37
CA CYS A 28 17.29 -16.22 -3.58
C CYS A 28 16.49 -16.64 -2.36
N ASN A 29 15.29 -16.10 -2.17
CA ASN A 29 14.42 -16.54 -1.08
C ASN A 29 14.07 -18.01 -1.31
N ASN A 30 13.60 -18.31 -2.52
CA ASN A 30 13.24 -19.66 -2.89
C ASN A 30 14.45 -20.27 -3.58
N ARG A 31 14.85 -21.46 -3.14
CA ARG A 31 16.08 -22.07 -3.61
C ARG A 31 15.88 -22.69 -4.99
N ARG A 32 14.73 -23.36 -5.21
CA ARG A 32 14.47 -24.03 -6.47
C ARG A 32 14.30 -23.01 -7.58
N SER A 33 13.47 -21.98 -7.33
CA SER A 33 13.18 -20.92 -8.28
C SER A 33 13.57 -19.57 -7.69
N PRO A 34 14.86 -19.17 -7.76
CA PRO A 34 15.34 -17.97 -7.06
C PRO A 34 14.78 -16.60 -7.45
N ALA A 35 14.06 -16.51 -8.56
CA ALA A 35 13.42 -15.25 -8.95
C ALA A 35 12.02 -15.06 -8.31
N LEU A 36 11.45 -16.09 -7.67
CA LEU A 36 10.09 -16.03 -7.15
C LEU A 36 9.98 -15.00 -6.03
N GLY A 37 9.11 -13.99 -6.23
CA GLY A 37 8.84 -13.00 -5.21
C GLY A 37 9.79 -11.80 -5.32
N ALA A 38 10.75 -11.86 -6.25
CA ALA A 38 11.72 -10.80 -6.44
C ALA A 38 11.08 -9.63 -7.17
N ALA A 39 11.54 -8.41 -6.86
CA ALA A 39 11.11 -7.18 -7.51
C ALA A 39 11.45 -7.18 -9.00
N ASN A 40 10.70 -6.35 -9.74
CA ASN A 40 10.93 -6.05 -11.15
C ASN A 40 10.64 -7.26 -12.04
N ARG A 41 9.75 -8.14 -11.58
CA ARG A 41 9.18 -9.25 -12.34
C ARG A 41 7.66 -9.05 -12.49
N ALA A 42 7.02 -9.92 -13.29
CA ALA A 42 5.58 -9.82 -13.52
C ALA A 42 4.82 -10.16 -12.25
N LEU A 43 3.73 -9.40 -11.99
CA LEU A 43 2.72 -9.84 -11.04
C LEU A 43 2.24 -11.23 -11.44
N ALA A 44 1.88 -12.06 -10.46
CA ALA A 44 1.30 -13.36 -10.74
C ALA A 44 -0.11 -13.24 -11.33
N ARG A 45 -0.49 -14.18 -12.22
CA ARG A 45 -1.86 -14.35 -12.69
C ARG A 45 -2.53 -15.56 -12.05
N TRP A 46 -3.49 -15.35 -11.14
CA TRP A 46 -4.22 -16.46 -10.55
C TRP A 46 -5.27 -16.97 -11.52
N LEU A 47 -5.70 -16.06 -12.38
CA LEU A 47 -6.59 -16.35 -13.48
C LEU A 47 -6.00 -15.68 -14.70
N PRO A 48 -6.23 -16.18 -15.92
CA PRO A 48 -5.74 -15.52 -17.12
C PRO A 48 -6.27 -14.10 -17.32
N ALA A 49 -5.39 -13.24 -17.81
CA ALA A 49 -5.75 -11.87 -18.15
C ALA A 49 -6.96 -11.85 -19.08
N GLU A 50 -7.77 -10.80 -18.96
CA GLU A 50 -8.91 -10.63 -19.83
C GLU A 50 -8.82 -9.26 -20.46
N TYR A 51 -8.41 -9.26 -21.73
CA TYR A 51 -8.29 -8.05 -22.53
C TYR A 51 -9.27 -8.14 -23.70
N GLU A 52 -9.64 -6.96 -24.21
CA GLU A 52 -10.58 -6.80 -25.30
C GLU A 52 -10.12 -7.60 -26.54
N ASP A 53 -8.80 -7.68 -26.75
CA ASP A 53 -8.26 -8.37 -27.92
C ASP A 53 -7.60 -9.70 -27.55
N GLY A 54 -7.71 -10.13 -26.29
CA GLY A 54 -7.06 -11.36 -25.85
C GLY A 54 -5.60 -11.15 -25.42
N LEU A 55 -5.02 -9.99 -25.70
CA LEU A 55 -3.57 -9.82 -25.59
C LEU A 55 -3.17 -8.67 -24.66
N ALA A 56 -3.78 -7.49 -24.83
CA ALA A 56 -3.18 -6.28 -24.33
C ALA A 56 -4.15 -5.10 -24.16
N LEU A 57 -5.18 -5.00 -25.03
CA LEU A 57 -6.00 -3.81 -25.09
C LEU A 57 -7.03 -3.89 -23.98
N PRO A 58 -7.17 -2.86 -23.13
CA PRO A 58 -8.11 -2.92 -22.02
C PRO A 58 -9.54 -2.93 -22.55
N PHE A 59 -10.44 -3.56 -21.80
CA PHE A 59 -11.87 -3.38 -22.02
C PHE A 59 -12.23 -1.91 -21.90
N GLY A 60 -13.03 -1.42 -22.84
CA GLY A 60 -13.37 -0.01 -22.89
C GLY A 60 -12.57 0.73 -23.96
N TRP A 61 -11.50 0.12 -24.45
CA TRP A 61 -10.56 0.80 -25.33
C TRP A 61 -11.23 1.16 -26.66
N THR A 62 -11.98 0.20 -27.20
CA THR A 62 -12.63 0.31 -28.48
C THR A 62 -14.14 0.43 -28.22
N GLN A 63 -14.75 1.50 -28.75
CA GLN A 63 -16.14 1.81 -28.48
C GLN A 63 -17.07 0.68 -28.95
N ARG A 64 -16.78 0.10 -30.11
CA ARG A 64 -17.67 -0.90 -30.72
C ARG A 64 -17.48 -2.29 -30.11
N LYS A 65 -16.44 -2.49 -29.28
CA LYS A 65 -16.18 -3.79 -28.67
C LYS A 65 -16.92 -3.89 -27.33
N THR A 66 -17.86 -4.82 -27.28
CA THR A 66 -18.55 -5.09 -26.03
C THR A 66 -17.71 -6.03 -25.18
N ARG A 67 -18.01 -6.02 -23.87
CA ARG A 67 -17.72 -7.13 -22.98
C ARG A 67 -19.00 -7.94 -22.79
N ASN A 68 -18.99 -9.21 -23.20
CA ASN A 68 -20.14 -10.10 -23.10
C ASN A 68 -21.40 -9.44 -23.67
N GLY A 69 -21.24 -8.65 -24.71
CA GLY A 69 -22.40 -8.13 -25.41
C GLY A 69 -22.87 -6.78 -24.88
N PHE A 70 -22.16 -6.19 -23.91
CA PHE A 70 -22.53 -4.88 -23.40
C PHE A 70 -21.31 -3.98 -23.35
N ARG A 71 -21.53 -2.67 -23.50
CA ARG A 71 -20.45 -1.71 -23.35
C ARG A 71 -20.10 -1.59 -21.87
N VAL A 72 -18.81 -1.44 -21.59
CA VAL A 72 -18.36 -1.18 -20.24
C VAL A 72 -18.60 0.29 -19.94
N PRO A 73 -19.09 0.64 -18.73
CA PRO A 73 -19.34 2.05 -18.40
C PRO A 73 -18.04 2.85 -18.28
N LEU A 74 -18.12 4.17 -18.48
CA LEU A 74 -16.99 5.05 -18.19
C LEU A 74 -16.67 4.97 -16.70
N ALA A 75 -15.38 4.87 -16.39
CA ALA A 75 -14.96 4.73 -15.01
C ALA A 75 -15.41 5.90 -14.12
N ARG A 76 -15.39 7.12 -14.68
CA ARG A 76 -15.78 8.31 -13.94
C ARG A 76 -17.29 8.36 -13.71
N GLU A 77 -18.07 7.75 -14.61
CA GLU A 77 -19.51 7.71 -14.39
C GLU A 77 -19.82 6.75 -13.24
N VAL A 78 -19.13 5.60 -13.19
CA VAL A 78 -19.25 4.67 -12.10
C VAL A 78 -18.91 5.40 -10.80
N SER A 79 -17.78 6.11 -10.80
CA SER A 79 -17.34 6.91 -9.66
C SER A 79 -18.45 7.88 -9.20
N ASN A 80 -18.94 8.73 -10.11
CA ASN A 80 -19.97 9.70 -9.78
C ASN A 80 -21.26 9.06 -9.29
N LYS A 81 -21.73 7.99 -9.94
CA LYS A 81 -23.05 7.48 -9.64
C LYS A 81 -23.02 6.55 -8.43
N ILE A 82 -21.89 5.92 -8.12
CA ILE A 82 -21.86 4.89 -7.12
C ILE A 82 -20.94 5.25 -5.95
N VAL A 83 -19.78 5.82 -6.28
CA VAL A 83 -18.70 5.90 -5.30
C VAL A 83 -18.83 7.20 -4.50
N GLY A 84 -19.44 8.24 -5.07
CA GLY A 84 -19.39 9.58 -4.48
C GLY A 84 -20.46 9.83 -3.43
N TYR A 85 -20.18 10.81 -2.54
CA TYR A 85 -21.13 11.25 -1.52
C TYR A 85 -20.74 12.65 -1.00
N LEU A 86 -21.73 13.35 -0.42
CA LEU A 86 -21.56 14.74 0.02
C LEU A 86 -21.28 14.84 1.51
N ASP A 87 -21.98 14.03 2.32
CA ASP A 87 -22.13 14.29 3.75
C ASP A 87 -21.14 13.46 4.54
N GLU A 88 -20.16 14.13 5.15
CA GLU A 88 -19.11 13.45 5.89
C GLU A 88 -19.57 13.12 7.31
N GLU A 89 -20.77 13.59 7.71
CA GLU A 89 -21.26 13.33 9.05
C GLU A 89 -21.69 11.86 9.11
N GLY A 90 -21.38 11.19 10.21
CA GLY A 90 -21.83 9.81 10.44
C GLY A 90 -21.02 8.76 9.68
N VAL A 91 -19.84 9.12 9.14
CA VAL A 91 -19.14 8.25 8.21
C VAL A 91 -17.94 7.53 8.88
N LEU A 92 -17.60 7.89 10.11
CA LEU A 92 -16.38 7.40 10.74
C LEU A 92 -16.58 6.04 11.40
N ASP A 93 -15.45 5.32 11.59
CA ASP A 93 -15.42 3.97 12.11
C ASP A 93 -15.27 4.04 13.62
N GLN A 94 -16.35 3.66 14.33
CA GLN A 94 -16.38 3.77 15.78
C GLN A 94 -15.45 2.76 16.43
N ASN A 95 -14.86 1.83 15.65
CA ASN A 95 -14.00 0.84 16.27
C ASN A 95 -12.69 0.62 15.50
N ARG A 96 -12.28 1.61 14.69
CA ARG A 96 -10.96 1.58 14.08
C ARG A 96 -10.29 2.95 14.16
N SER A 97 -9.09 3.02 14.72
CA SER A 97 -8.31 4.23 14.72
C SER A 97 -7.89 4.60 13.30
N LEU A 98 -7.42 5.84 13.09
CA LEU A 98 -6.92 6.27 11.80
C LEU A 98 -5.64 5.48 11.48
N LEU A 99 -4.96 5.00 12.52
CA LEU A 99 -3.76 4.21 12.33
C LEU A 99 -4.06 2.91 11.58
N PHE A 100 -5.32 2.44 11.63
CA PHE A 100 -5.73 1.21 10.96
C PHE A 100 -5.62 1.39 9.45
N MET A 101 -6.17 2.49 8.96
CA MET A 101 -6.05 2.88 7.58
C MET A 101 -4.57 2.95 7.23
N GLN A 102 -3.79 3.59 8.09
CA GLN A 102 -2.43 3.92 7.72
C GLN A 102 -1.57 2.68 7.59
N TRP A 103 -1.73 1.72 8.51
CA TRP A 103 -0.94 0.50 8.46
C TRP A 103 -1.22 -0.25 7.16
N GLY A 104 -2.49 -0.24 6.74
CA GLY A 104 -2.88 -0.88 5.49
C GLY A 104 -2.10 -0.35 4.29
N GLN A 105 -1.90 0.98 4.23
CA GLN A 105 -1.17 1.60 3.12
C GLN A 105 0.31 1.20 3.17
N ILE A 106 0.84 1.09 4.41
CA ILE A 106 2.22 0.74 4.67
C ILE A 106 2.49 -0.68 4.16
N VAL A 107 1.62 -1.61 4.57
CA VAL A 107 1.78 -3.00 4.20
C VAL A 107 1.69 -3.14 2.69
N ASP A 108 0.71 -2.45 2.11
CA ASP A 108 0.50 -2.41 0.68
C ASP A 108 1.79 -2.01 -0.04
N HIS A 109 2.46 -0.97 0.49
CA HIS A 109 3.60 -0.40 -0.18
C HIS A 109 4.79 -1.33 -0.05
N ASP A 110 4.81 -2.13 1.03
CA ASP A 110 5.80 -3.17 1.19
C ASP A 110 5.63 -4.21 0.09
N LEU A 111 4.39 -4.46 -0.37
CA LEU A 111 4.12 -5.65 -1.15
C LEU A 111 4.09 -5.41 -2.65
N ASP A 112 3.60 -4.25 -3.11
CA ASP A 112 3.31 -4.17 -4.52
C ASP A 112 3.39 -2.74 -5.02
N PHE A 113 3.77 -2.62 -6.29
CA PHE A 113 3.82 -1.35 -7.00
C PHE A 113 3.97 -1.61 -8.49
N ALA A 114 2.94 -1.24 -9.26
CA ALA A 114 2.96 -1.37 -10.70
C ALA A 114 3.10 0.02 -11.30
N PRO A 115 4.34 0.53 -11.45
CA PRO A 115 4.58 1.87 -12.00
C PRO A 115 4.08 2.05 -13.45
N GLU A 116 3.59 3.24 -13.77
CA GLU A 116 3.21 3.56 -15.14
C GLU A 116 4.46 3.48 -16.03
N THR A 117 4.25 3.21 -17.32
CA THR A 117 5.33 3.01 -18.26
C THR A 117 6.21 4.26 -18.36
N GLU A 118 7.40 4.09 -18.98
CA GLU A 118 8.35 5.17 -19.21
C GLU A 118 8.60 5.93 -17.90
N LEU A 119 9.23 5.24 -16.94
CA LEU A 119 9.22 5.63 -15.54
C LEU A 119 9.81 7.02 -15.29
N GLY A 120 10.54 7.57 -16.27
CA GLY A 120 10.97 8.96 -16.23
C GLY A 120 10.41 9.75 -17.41
N SER A 121 9.72 10.86 -17.12
CA SER A 121 9.02 11.64 -18.15
C SER A 121 10.03 12.40 -19.01
N ASN A 122 10.03 12.08 -20.31
CA ASN A 122 11.00 12.59 -21.26
C ASN A 122 10.28 13.50 -22.27
N GLU A 123 10.91 14.64 -22.58
CA GLU A 123 10.48 15.53 -23.65
C GLU A 123 9.04 15.99 -23.39
N HIS A 124 8.20 15.93 -24.42
CA HIS A 124 6.80 16.30 -24.35
C HIS A 124 5.95 15.10 -24.78
N SER A 125 6.46 13.89 -24.52
CA SER A 125 5.72 12.67 -24.81
C SER A 125 4.26 12.87 -24.41
N LYS A 126 4.03 13.39 -23.20
CA LYS A 126 2.71 13.48 -22.59
C LYS A 126 2.08 14.84 -22.87
N THR A 127 2.05 15.22 -24.15
CA THR A 127 1.16 16.27 -24.63
C THR A 127 -0.10 15.59 -25.18
N GLN A 128 -0.06 14.26 -25.22
CA GLN A 128 -1.13 13.45 -25.79
C GLN A 128 -2.35 13.54 -24.87
N CYS A 129 -2.22 12.98 -23.67
CA CYS A 129 -3.35 12.88 -22.75
C CYS A 129 -3.56 14.22 -22.06
N GLU A 130 -2.49 14.77 -21.50
CA GLU A 130 -2.64 15.93 -20.63
C GLU A 130 -3.36 17.02 -21.41
N GLU A 131 -2.88 17.33 -22.63
CA GLU A 131 -3.35 18.49 -23.37
C GLU A 131 -4.60 18.16 -24.19
N TYR A 132 -4.58 17.09 -25.00
CA TYR A 132 -5.59 16.92 -26.03
C TYR A 132 -6.46 15.68 -25.83
N CYS A 133 -6.20 14.91 -24.76
CA CYS A 133 -7.03 13.77 -24.39
C CYS A 133 -7.17 12.75 -25.53
N ILE A 134 -6.05 12.42 -26.20
CA ILE A 134 -6.08 11.51 -27.33
C ILE A 134 -5.59 10.15 -26.86
N GLN A 135 -6.49 9.16 -26.89
CA GLN A 135 -6.16 7.80 -26.53
C GLN A 135 -5.20 7.22 -27.55
N GLY A 136 -4.08 6.68 -27.10
CA GLY A 136 -3.12 6.10 -28.00
C GLY A 136 -1.93 5.52 -27.24
N ASP A 137 -1.63 4.25 -27.53
CA ASP A 137 -0.53 3.53 -26.90
C ASP A 137 -0.77 3.47 -25.40
N ASN A 138 0.15 4.03 -24.61
CA ASN A 138 0.06 3.95 -23.15
C ASN A 138 -0.82 5.07 -22.61
N CYS A 139 -1.42 5.87 -23.51
CA CYS A 139 -2.31 6.96 -23.17
C CYS A 139 -3.74 6.45 -23.21
N PHE A 140 -4.37 6.34 -22.02
CA PHE A 140 -5.69 5.76 -21.90
C PHE A 140 -6.55 6.68 -21.04
N PRO A 141 -6.84 7.92 -21.48
CA PRO A 141 -7.39 8.91 -20.56
C PRO A 141 -8.80 8.52 -20.07
N ILE A 142 -9.08 8.97 -18.84
CA ILE A 142 -10.39 8.82 -18.23
C ILE A 142 -11.26 9.98 -18.73
N MET A 143 -12.22 9.67 -19.58
CA MET A 143 -13.09 10.68 -20.17
C MET A 143 -14.23 10.99 -19.20
N PHE A 144 -14.57 12.29 -19.08
CA PHE A 144 -15.72 12.70 -18.27
C PHE A 144 -17.01 12.33 -18.97
N PRO A 145 -18.05 11.89 -18.22
CA PRO A 145 -19.39 11.71 -18.78
C PRO A 145 -20.06 13.07 -18.91
N LYS A 146 -21.11 13.14 -19.72
CA LYS A 146 -21.91 14.34 -19.83
C LYS A 146 -22.48 14.66 -18.45
N ASN A 147 -22.64 15.95 -18.17
CA ASN A 147 -23.26 16.41 -16.95
C ASN A 147 -22.32 16.22 -15.75
N ASP A 148 -21.02 16.03 -16.01
CA ASP A 148 -20.05 15.96 -14.94
C ASP A 148 -19.51 17.36 -14.69
N PRO A 149 -19.52 17.90 -13.45
CA PRO A 149 -19.03 19.23 -13.18
C PRO A 149 -17.61 19.54 -13.67
N LYS A 150 -16.75 18.53 -13.64
CA LYS A 150 -15.36 18.71 -14.01
C LYS A 150 -15.17 19.07 -15.49
N LEU A 151 -16.16 18.70 -16.32
CA LEU A 151 -16.21 19.10 -17.72
C LEU A 151 -16.16 20.61 -17.82
N LYS A 152 -16.92 21.30 -16.93
CA LYS A 152 -17.03 22.74 -16.96
C LYS A 152 -15.70 23.37 -16.57
N THR A 153 -14.93 22.71 -15.68
CA THR A 153 -13.82 23.36 -15.00
C THR A 153 -12.45 22.86 -15.45
N GLN A 154 -12.34 21.61 -15.90
CA GLN A 154 -11.02 20.98 -16.02
C GLN A 154 -10.70 20.49 -17.42
N GLY A 155 -11.71 20.35 -18.29
CA GLY A 155 -11.47 19.89 -19.65
C GLY A 155 -12.32 18.65 -19.94
N LYS A 156 -11.86 17.79 -20.85
CA LYS A 156 -12.67 16.68 -21.31
C LYS A 156 -12.26 15.36 -20.67
N CYS A 157 -11.08 15.32 -20.03
CA CYS A 157 -10.58 14.08 -19.46
C CYS A 157 -9.68 14.35 -18.25
N MET A 158 -9.41 13.26 -17.52
CA MET A 158 -8.30 13.17 -16.61
C MET A 158 -7.25 12.26 -17.24
N PRO A 159 -5.97 12.64 -17.26
CA PRO A 159 -4.96 11.83 -17.94
C PRO A 159 -4.72 10.56 -17.14
N PHE A 160 -4.42 9.48 -17.86
CA PHE A 160 -4.20 8.17 -17.26
C PHE A 160 -3.23 7.46 -18.20
N PHE A 161 -2.14 6.95 -17.63
CA PHE A 161 -1.11 6.28 -18.40
C PHE A 161 -1.06 4.81 -17.98
N ARG A 162 -0.95 3.91 -18.96
CA ARG A 162 -0.94 2.48 -18.71
C ARG A 162 0.28 2.06 -17.89
N ALA A 163 0.08 0.99 -17.10
CA ALA A 163 1.11 0.47 -16.22
C ALA A 163 2.18 -0.24 -17.05
N GLY A 164 3.43 -0.23 -16.55
CA GLY A 164 4.54 -0.95 -17.16
C GLY A 164 4.30 -2.46 -17.22
N PHE A 165 4.87 -3.10 -18.27
CA PHE A 165 4.77 -4.54 -18.52
C PHE A 165 6.16 -5.09 -18.83
N VAL A 166 6.31 -6.42 -18.69
CA VAL A 166 7.62 -7.05 -18.55
C VAL A 166 8.47 -7.20 -19.83
N CYS A 167 8.01 -7.97 -20.82
CA CYS A 167 9.00 -8.46 -21.78
C CYS A 167 9.67 -7.30 -22.50
N PRO A 168 8.95 -6.50 -23.32
CA PRO A 168 9.48 -5.24 -23.85
C PRO A 168 8.90 -4.07 -23.05
N THR A 169 9.02 -2.84 -23.56
CA THR A 169 8.22 -1.72 -23.07
C THR A 169 7.17 -1.43 -24.15
N PRO A 170 7.07 -0.26 -24.85
CA PRO A 170 5.87 0.02 -25.67
C PRO A 170 5.32 -1.10 -26.57
N PRO A 171 6.16 -1.93 -27.23
CA PRO A 171 5.66 -3.08 -28.00
C PRO A 171 5.53 -4.39 -27.22
N TYR A 172 4.77 -5.35 -27.78
CA TYR A 172 4.61 -6.70 -27.25
C TYR A 172 3.65 -7.48 -28.16
N GLN A 173 3.78 -8.83 -28.17
CA GLN A 173 2.91 -9.68 -28.96
C GLN A 173 3.13 -11.15 -28.58
N SER A 174 2.24 -12.03 -29.06
CA SER A 174 2.35 -13.48 -28.91
C SER A 174 2.20 -13.94 -27.45
N LEU A 175 1.51 -13.16 -26.62
CA LEU A 175 1.36 -13.45 -25.20
C LEU A 175 0.58 -12.31 -24.55
N ALA A 176 -0.15 -12.59 -23.47
CA ALA A 176 -0.92 -11.53 -22.82
C ALA A 176 0.03 -10.64 -22.02
N ARG A 177 -0.28 -9.35 -21.95
CA ARG A 177 0.57 -8.37 -21.30
C ARG A 177 0.52 -8.55 -19.79
N GLU A 178 1.71 -8.56 -19.16
CA GLU A 178 1.82 -8.78 -17.74
C GLU A 178 2.49 -7.55 -17.08
N GLN A 179 1.77 -6.92 -16.14
CA GLN A 179 2.27 -5.74 -15.44
C GLN A 179 3.36 -6.15 -14.45
N ILE A 180 4.23 -5.20 -14.10
CA ILE A 180 5.40 -5.40 -13.26
C ILE A 180 5.08 -5.10 -11.79
N ASN A 181 5.65 -5.92 -10.89
CA ASN A 181 5.70 -5.56 -9.49
C ASN A 181 7.12 -5.10 -9.19
N ALA A 182 7.28 -3.81 -8.90
CA ALA A 182 8.59 -3.18 -8.78
C ALA A 182 9.15 -3.29 -7.36
N VAL A 183 8.41 -3.90 -6.42
CA VAL A 183 8.95 -4.11 -5.08
C VAL A 183 8.91 -5.61 -4.77
N THR A 184 9.55 -6.02 -3.66
CA THR A 184 9.58 -7.42 -3.31
C THR A 184 8.23 -7.85 -2.73
N SER A 185 7.79 -9.06 -3.12
CA SER A 185 6.50 -9.62 -2.74
C SER A 185 6.48 -10.05 -1.27
N PHE A 186 7.67 -10.23 -0.68
CA PHE A 186 7.82 -10.64 0.71
C PHE A 186 7.56 -9.43 1.62
N LEU A 187 7.04 -9.72 2.82
CA LEU A 187 6.76 -8.69 3.80
C LEU A 187 8.06 -8.49 4.60
N ASP A 188 8.90 -7.58 4.10
CA ASP A 188 10.34 -7.58 4.31
C ASP A 188 10.91 -6.18 4.61
N ALA A 189 10.05 -5.21 4.95
CA ALA A 189 10.42 -3.81 5.14
C ALA A 189 11.15 -3.21 3.93
N SER A 190 10.79 -3.67 2.72
CA SER A 190 11.36 -3.12 1.51
C SER A 190 10.98 -1.65 1.35
N LEU A 191 9.91 -1.21 2.02
CA LEU A 191 9.51 0.19 1.90
C LEU A 191 10.51 1.08 2.64
N VAL A 192 11.28 0.48 3.55
CA VAL A 192 12.25 1.19 4.35
C VAL A 192 13.63 1.10 3.71
N TYR A 193 13.98 -0.08 3.20
CA TYR A 193 15.37 -0.34 2.81
C TYR A 193 15.55 -0.29 1.29
N GLY A 194 14.46 -0.37 0.52
CA GLY A 194 14.56 -0.37 -0.93
C GLY A 194 14.45 -1.78 -1.49
N SER A 195 14.16 -1.87 -2.79
CA SER A 195 14.04 -3.12 -3.53
C SER A 195 15.08 -3.23 -4.66
N GLU A 196 15.93 -2.20 -4.85
CA GLU A 196 17.05 -2.23 -5.77
C GLU A 196 18.36 -1.87 -5.04
N PRO A 197 19.49 -2.59 -5.30
CA PRO A 197 20.78 -2.39 -4.59
C PRO A 197 21.22 -0.94 -4.42
N SER A 198 20.90 -0.26 -5.48
CA SER A 198 21.27 1.12 -5.73
C SER A 198 20.61 2.07 -4.73
N LEU A 199 19.28 2.09 -4.73
CA LEU A 199 18.57 2.89 -3.74
C LEU A 199 19.01 2.42 -2.36
N ALA A 200 19.09 1.10 -2.18
CA ALA A 200 19.38 0.52 -0.88
C ALA A 200 20.66 1.12 -0.29
N SER A 201 21.68 1.31 -1.15
CA SER A 201 22.94 1.86 -0.65
C SER A 201 22.84 3.36 -0.40
N ARG A 202 22.15 4.10 -1.26
CA ARG A 202 21.97 5.54 -1.12
C ARG A 202 21.23 5.88 0.17
N LEU A 203 20.41 4.93 0.69
CA LEU A 203 19.61 5.16 1.87
C LEU A 203 20.46 4.97 3.11
N ARG A 204 21.65 4.38 2.96
CA ARG A 204 22.46 3.99 4.10
C ARG A 204 23.45 5.09 4.49
N ASN A 205 23.82 5.07 5.79
CA ASN A 205 24.96 5.82 6.31
C ASN A 205 26.19 4.92 6.21
N LEU A 206 26.93 5.10 5.11
CA LEU A 206 28.15 4.35 4.95
C LEU A 206 29.31 5.13 5.59
N SER A 207 29.20 6.46 5.66
CA SER A 207 30.23 7.30 6.25
C SER A 207 30.63 6.85 7.65
N SER A 208 29.67 6.49 8.52
CA SER A 208 29.98 5.90 9.81
C SER A 208 29.92 4.38 9.70
N PRO A 209 30.54 3.60 10.62
CA PRO A 209 30.46 2.15 10.57
C PRO A 209 29.48 1.56 11.57
N LEU A 210 28.35 2.23 11.77
CA LEU A 210 27.44 1.88 12.86
C LEU A 210 26.19 1.18 12.33
N GLY A 211 26.09 1.05 11.01
CA GLY A 211 25.00 0.31 10.37
C GLY A 211 23.72 1.12 10.33
N LEU A 212 23.87 2.45 10.32
CA LEU A 212 22.73 3.36 10.38
C LEU A 212 22.21 3.58 8.97
N MET A 213 20.95 4.04 8.91
CA MET A 213 20.35 4.54 7.70
C MET A 213 20.61 6.05 7.65
N ALA A 214 20.86 6.60 6.46
CA ALA A 214 21.02 8.03 6.29
C ALA A 214 19.88 8.77 6.98
N VAL A 215 20.17 9.99 7.50
CA VAL A 215 19.14 10.86 8.06
C VAL A 215 19.23 12.25 7.45
N ASN A 216 18.16 13.02 7.61
CA ASN A 216 18.15 14.42 7.19
C ASN A 216 19.25 15.18 7.95
N GLN A 217 19.99 16.03 7.24
CA GLN A 217 21.03 16.82 7.86
C GLN A 217 20.59 18.29 7.97
N GLU A 218 19.49 18.64 7.31
CA GLU A 218 19.01 20.01 7.24
C GLU A 218 17.88 20.29 8.24
N ALA A 219 17.32 19.25 8.89
CA ALA A 219 16.20 19.45 9.80
C ALA A 219 16.14 18.34 10.83
N TRP A 220 15.64 18.67 12.03
CA TRP A 220 15.46 17.68 13.08
C TRP A 220 14.13 17.89 13.77
N ASP A 221 13.69 16.88 14.53
CA ASP A 221 12.41 16.85 15.21
C ASP A 221 12.69 16.73 16.70
N HIS A 222 12.87 17.88 17.38
CA HIS A 222 13.29 17.89 18.77
C HIS A 222 14.42 16.88 18.93
N GLY A 223 15.37 16.93 17.99
CA GLY A 223 16.52 16.04 18.00
C GLY A 223 16.25 14.67 17.37
N LEU A 224 14.97 14.26 17.23
CA LEU A 224 14.68 12.96 16.63
C LEU A 224 14.76 13.11 15.12
N ALA A 225 15.11 12.02 14.44
CA ALA A 225 15.54 12.11 13.05
C ALA A 225 14.37 12.24 12.08
N TYR A 226 14.67 12.83 10.92
CA TYR A 226 13.80 12.80 9.75
C TYR A 226 14.47 12.02 8.63
N LEU A 227 13.67 11.62 7.63
CA LEU A 227 14.19 10.99 6.43
C LEU A 227 15.00 12.01 5.62
N PRO A 228 16.03 11.60 4.84
CA PRO A 228 16.69 12.53 3.92
C PRO A 228 15.69 13.08 2.91
N PHE A 229 15.99 14.26 2.38
CA PHE A 229 15.23 14.80 1.27
C PHE A 229 15.69 14.11 -0.01
N ASN A 230 14.74 13.90 -0.91
CA ASN A 230 15.04 13.53 -2.27
C ASN A 230 15.24 14.81 -3.08
N ASN A 231 16.46 15.01 -3.58
CA ASN A 231 16.81 16.27 -4.20
C ASN A 231 16.66 16.17 -5.72
N LYS A 232 15.89 15.18 -6.19
CA LYS A 232 15.41 15.13 -7.57
C LYS A 232 14.38 16.24 -7.80
N LYS A 233 14.61 17.04 -8.85
CA LYS A 233 13.66 18.01 -9.37
C LYS A 233 13.05 17.49 -10.68
N PRO A 234 11.77 17.77 -11.00
CA PRO A 234 10.89 18.61 -10.18
C PRO A 234 10.22 17.82 -9.06
N SER A 235 10.12 18.45 -7.88
CA SER A 235 9.56 17.84 -6.69
C SER A 235 8.08 18.20 -6.59
N PRO A 236 7.17 17.21 -6.41
CA PRO A 236 5.77 17.55 -6.18
C PRO A 236 5.59 18.22 -4.82
N CYS A 237 6.45 17.87 -3.85
CA CYS A 237 6.29 18.37 -2.50
C CYS A 237 6.72 19.83 -2.44
N GLU A 238 7.57 20.22 -3.41
CA GLU A 238 7.94 21.61 -3.64
C GLU A 238 6.83 22.33 -4.40
N PHE A 239 6.29 21.68 -5.43
CA PHE A 239 5.26 22.26 -6.28
C PHE A 239 4.03 22.68 -5.47
N ILE A 240 3.74 22.00 -4.34
CA ILE A 240 2.52 22.27 -3.57
C ILE A 240 2.73 23.42 -2.57
N ASN A 241 3.98 23.86 -2.39
CA ASN A 241 4.23 25.14 -1.75
C ASN A 241 5.61 25.66 -2.17
N THR A 242 5.65 26.49 -3.21
CA THR A 242 6.94 26.97 -3.70
C THR A 242 7.53 28.02 -2.75
N THR A 243 6.79 28.40 -1.69
CA THR A 243 7.28 29.37 -0.73
C THR A 243 8.04 28.64 0.36
N ALA A 244 7.52 27.49 0.81
CA ALA A 244 8.23 26.68 1.78
C ALA A 244 9.43 25.99 1.13
N ARG A 245 9.27 25.50 -0.11
CA ARG A 245 10.32 24.76 -0.82
C ARG A 245 10.88 23.64 0.05
N VAL A 246 10.00 22.78 0.60
CA VAL A 246 10.44 21.61 1.34
C VAL A 246 10.20 20.38 0.45
N PRO A 247 11.26 19.70 -0.04
CA PRO A 247 11.07 18.62 -1.00
C PRO A 247 10.55 17.35 -0.33
N CYS A 248 10.23 16.37 -1.19
CA CYS A 248 9.78 15.05 -0.78
C CYS A 248 10.89 14.34 -0.02
N PHE A 249 10.49 13.34 0.77
CA PHE A 249 11.46 12.50 1.46
C PHE A 249 11.96 11.41 0.51
N LEU A 250 13.15 10.89 0.83
CA LEU A 250 13.75 9.76 0.15
C LEU A 250 13.59 8.55 1.06
N ALA A 251 12.82 7.56 0.59
CA ALA A 251 12.58 6.37 1.37
C ALA A 251 12.86 5.13 0.51
N GLY A 252 12.80 3.96 1.13
CA GLY A 252 12.94 2.69 0.42
C GLY A 252 11.85 2.51 -0.64
N ASP A 253 10.75 3.26 -0.51
CA ASP A 253 9.68 3.21 -1.47
C ASP A 253 9.41 4.61 -2.03
N PHE A 254 9.08 4.67 -3.32
CA PHE A 254 8.97 5.92 -4.06
C PHE A 254 7.83 6.80 -3.55
N ARG A 255 6.80 6.20 -2.94
CA ARG A 255 5.53 6.88 -2.72
C ARG A 255 5.42 7.46 -1.31
N ALA A 256 6.54 7.51 -0.58
CA ALA A 256 6.53 7.75 0.86
C ALA A 256 5.91 9.10 1.24
N SER A 257 5.89 10.08 0.32
CA SER A 257 5.41 11.43 0.64
C SER A 257 4.06 11.73 -0.01
N GLU A 258 3.39 10.70 -0.55
CA GLU A 258 2.08 10.87 -1.15
C GLU A 258 1.10 11.54 -0.18
N GLN A 259 1.15 11.23 1.11
CA GLN A 259 0.39 11.98 2.08
C GLN A 259 1.15 11.96 3.40
N ILE A 260 0.87 12.98 4.22
CA ILE A 260 1.68 13.32 5.39
C ILE A 260 1.70 12.21 6.44
N LEU A 261 0.63 11.43 6.55
CA LEU A 261 0.57 10.38 7.56
C LEU A 261 1.35 9.14 7.08
N LEU A 262 1.55 9.00 5.77
CA LEU A 262 2.41 7.94 5.26
C LEU A 262 3.86 8.34 5.51
N ALA A 263 4.19 9.62 5.32
CA ALA A 263 5.54 10.11 5.53
C ALA A 263 5.87 9.97 7.01
N THR A 264 4.89 10.31 7.84
CA THR A 264 4.94 10.06 9.27
C THR A 264 5.30 8.60 9.56
N ALA A 265 4.54 7.65 9.01
CA ALA A 265 4.78 6.24 9.30
C ALA A 265 6.18 5.81 8.87
N HIS A 266 6.62 6.21 7.66
CA HIS A 266 7.99 5.97 7.22
C HIS A 266 9.04 6.53 8.19
N THR A 267 8.77 7.70 8.76
CA THR A 267 9.71 8.31 9.70
C THR A 267 9.85 7.44 10.94
N LEU A 268 8.72 7.00 11.51
CA LEU A 268 8.79 6.11 12.65
C LEU A 268 9.67 4.91 12.35
N LEU A 269 9.58 4.40 11.10
CA LEU A 269 10.17 3.12 10.78
C LEU A 269 11.68 3.29 10.64
N LEU A 270 12.10 4.39 10.04
CA LEU A 270 13.51 4.75 9.99
C LEU A 270 14.11 4.83 11.40
N ARG A 271 13.47 5.59 12.31
CA ARG A 271 14.02 5.81 13.64
C ARG A 271 14.24 4.48 14.35
N GLU A 272 13.30 3.56 14.15
CA GLU A 272 13.38 2.26 14.79
C GLU A 272 14.61 1.51 14.31
N HIS A 273 14.99 1.68 13.04
CA HIS A 273 16.17 0.99 12.52
C HIS A 273 17.45 1.53 13.17
N ASN A 274 17.60 2.85 13.16
CA ASN A 274 18.67 3.55 13.82
C ASN A 274 18.68 3.18 15.31
N ARG A 275 17.52 3.17 15.96
CA ARG A 275 17.48 2.83 17.38
C ARG A 275 18.01 1.40 17.60
N LEU A 276 17.62 0.46 16.73
CA LEU A 276 18.02 -0.93 16.88
C LEU A 276 19.51 -1.07 16.61
N ALA A 277 20.02 -0.30 15.65
CA ALA A 277 21.42 -0.39 15.28
C ALA A 277 22.33 0.12 16.41
N ARG A 278 21.82 1.05 17.23
CA ARG A 278 22.59 1.59 18.35
C ARG A 278 22.67 0.56 19.49
N GLU A 279 21.52 -0.03 19.83
CA GLU A 279 21.44 -1.03 20.88
C GLU A 279 22.32 -2.24 20.54
N LEU A 280 22.39 -2.60 19.25
CA LEU A 280 23.16 -3.73 18.78
C LEU A 280 24.65 -3.41 18.83
N LYS A 281 25.01 -2.14 18.68
CA LYS A 281 26.40 -1.73 18.76
C LYS A 281 26.89 -1.84 20.21
N LYS A 282 26.07 -1.32 21.14
CA LYS A 282 26.34 -1.43 22.55
C LYS A 282 26.66 -2.88 22.91
N LEU A 283 25.70 -3.78 22.64
CA LEU A 283 25.82 -5.18 23.06
C LEU A 283 26.94 -5.86 22.28
N ASN A 284 27.18 -5.43 21.03
CA ASN A 284 28.14 -6.11 20.16
C ASN A 284 29.05 -5.06 19.53
N PRO A 285 29.98 -4.45 20.29
CA PRO A 285 30.86 -3.43 19.73
C PRO A 285 31.77 -3.97 18.63
N HIS A 286 31.89 -5.30 18.58
CA HIS A 286 32.75 -5.97 17.60
C HIS A 286 32.05 -6.19 16.25
N TRP A 287 30.71 -6.08 16.20
CA TRP A 287 29.97 -6.13 14.94
C TRP A 287 30.30 -4.90 14.08
N ASN A 288 30.59 -5.12 12.79
CA ASN A 288 30.85 -4.04 11.84
C ASN A 288 29.53 -3.41 11.34
N GLY A 289 29.66 -2.37 10.50
CA GLY A 289 28.52 -1.68 9.91
C GLY A 289 27.54 -2.64 9.26
N GLU A 290 28.03 -3.45 8.30
CA GLU A 290 27.18 -4.37 7.54
C GLU A 290 26.38 -5.26 8.48
N LYS A 291 27.01 -5.77 9.53
CA LYS A 291 26.34 -6.68 10.45
C LYS A 291 25.18 -5.96 11.12
N LEU A 292 25.42 -4.71 11.53
CA LEU A 292 24.47 -3.94 12.32
C LEU A 292 23.27 -3.54 11.45
N TYR A 293 23.54 -3.19 10.19
CA TYR A 293 22.50 -2.88 9.22
C TYR A 293 21.59 -4.09 9.05
N GLN A 294 22.18 -5.24 8.68
CA GLN A 294 21.40 -6.44 8.40
C GLN A 294 20.61 -6.89 9.63
N GLU A 295 21.21 -6.83 10.83
CA GLU A 295 20.56 -7.38 12.01
C GLU A 295 19.38 -6.48 12.43
N ALA A 296 19.55 -5.17 12.26
CA ALA A 296 18.47 -4.22 12.53
C ALA A 296 17.31 -4.38 11.53
N ARG A 297 17.69 -4.38 10.25
CA ARG A 297 16.83 -4.66 9.10
C ARG A 297 16.02 -5.93 9.34
N LYS A 298 16.69 -6.99 9.79
CA LYS A 298 16.04 -8.26 10.07
C LYS A 298 15.00 -8.12 11.18
N ILE A 299 15.35 -7.40 12.26
CA ILE A 299 14.41 -7.18 13.36
C ILE A 299 13.23 -6.36 12.86
N LEU A 300 13.49 -5.33 12.02
CA LEU A 300 12.45 -4.43 11.59
C LEU A 300 11.44 -5.18 10.70
N GLY A 301 11.95 -6.06 9.83
CA GLY A 301 11.11 -6.88 8.97
C GLY A 301 10.23 -7.83 9.77
N ALA A 302 10.82 -8.45 10.81
CA ALA A 302 10.06 -9.26 11.74
C ALA A 302 8.94 -8.44 12.40
N PHE A 303 9.26 -7.20 12.80
CA PHE A 303 8.31 -6.32 13.46
C PHE A 303 7.09 -6.11 12.56
N ILE A 304 7.31 -5.78 11.30
CA ILE A 304 6.21 -5.48 10.38
C ILE A 304 5.40 -6.74 10.15
N GLN A 305 6.06 -7.91 10.10
CA GLN A 305 5.36 -9.16 9.90
C GLN A 305 4.41 -9.41 11.06
N ILE A 306 4.92 -9.24 12.29
CA ILE A 306 4.16 -9.53 13.49
C ILE A 306 2.96 -8.59 13.60
N ILE A 307 3.23 -7.29 13.56
CA ILE A 307 2.17 -6.31 13.64
C ILE A 307 1.07 -6.67 12.64
N THR A 308 1.48 -6.98 11.41
CA THR A 308 0.53 -7.24 10.34
C THR A 308 -0.32 -8.47 10.61
N PHE A 309 0.33 -9.60 10.89
CA PHE A 309 -0.35 -10.88 10.97
C PHE A 309 -1.03 -11.06 12.33
N ARG A 310 -0.45 -10.52 13.39
CA ARG A 310 -1.04 -10.66 14.72
C ARG A 310 -2.09 -9.59 15.02
N ASP A 311 -1.88 -8.35 14.58
CA ASP A 311 -2.76 -7.26 14.97
C ASP A 311 -3.70 -6.83 13.84
N TYR A 312 -3.18 -6.71 12.62
CA TYR A 312 -3.91 -6.05 11.55
C TYR A 312 -4.87 -7.01 10.88
N LEU A 313 -4.33 -8.09 10.33
CA LEU A 313 -5.13 -8.99 9.51
C LEU A 313 -6.37 -9.50 10.23
N PRO A 314 -6.31 -9.92 11.52
CA PRO A 314 -7.49 -10.39 12.22
C PRO A 314 -8.65 -9.40 12.20
N ILE A 315 -8.36 -8.09 12.26
CA ILE A 315 -9.42 -7.09 12.30
C ILE A 315 -9.72 -6.56 10.89
N VAL A 316 -9.04 -7.11 9.88
CA VAL A 316 -9.49 -6.94 8.52
C VAL A 316 -10.38 -8.12 8.15
N LEU A 317 -9.86 -9.35 8.31
CA LEU A 317 -10.53 -10.53 7.79
C LEU A 317 -11.61 -11.04 8.76
N GLY A 318 -11.52 -10.72 10.05
CA GLY A 318 -12.56 -11.08 11.00
C GLY A 318 -12.77 -12.59 11.10
N SER A 319 -14.00 -13.03 10.86
CA SER A 319 -14.39 -14.43 10.96
C SER A 319 -13.61 -15.33 9.99
N GLU A 320 -13.03 -14.73 8.95
CA GLU A 320 -12.46 -15.48 7.85
C GLU A 320 -10.96 -15.62 8.05
N MET A 321 -10.41 -14.95 9.06
CA MET A 321 -8.99 -15.03 9.35
C MET A 321 -8.55 -16.50 9.41
N GLN A 322 -9.24 -17.31 10.23
CA GLN A 322 -8.78 -18.65 10.53
C GLN A 322 -8.91 -19.53 9.29
N LYS A 323 -9.96 -19.30 8.50
CA LYS A 323 -10.24 -20.08 7.30
C LYS A 323 -9.10 -19.94 6.28
N TRP A 324 -8.58 -18.71 6.07
CA TRP A 324 -7.61 -18.45 5.02
C TRP A 324 -6.18 -18.46 5.53
N ILE A 325 -5.99 -18.10 6.81
CA ILE A 325 -4.67 -17.98 7.40
C ILE A 325 -4.64 -18.76 8.71
N PRO A 326 -4.60 -20.11 8.68
CA PRO A 326 -4.50 -20.91 9.90
C PRO A 326 -3.14 -20.66 10.56
N PRO A 327 -2.95 -21.06 11.83
CA PRO A 327 -1.69 -20.76 12.53
C PRO A 327 -0.51 -21.38 11.78
N TYR A 328 0.66 -20.73 11.92
CA TYR A 328 1.85 -21.05 11.15
C TYR A 328 2.26 -22.50 11.40
N GLN A 329 2.73 -23.17 10.35
CA GLN A 329 3.17 -24.56 10.41
C GLN A 329 4.52 -24.73 9.73
N GLY A 330 5.17 -23.61 9.35
CA GLY A 330 6.53 -23.63 8.82
C GLY A 330 6.60 -23.24 7.35
N TYR A 331 7.82 -22.92 6.91
CA TYR A 331 8.10 -22.60 5.53
C TYR A 331 7.75 -23.76 4.62
N ASN A 332 7.05 -23.45 3.53
CA ASN A 332 6.72 -24.42 2.50
C ASN A 332 7.21 -23.86 1.16
N ASN A 333 8.12 -24.59 0.52
CA ASN A 333 8.85 -24.02 -0.61
C ASN A 333 8.13 -24.31 -1.92
N SER A 334 6.97 -24.99 -1.83
CA SER A 334 6.08 -25.21 -2.96
C SER A 334 5.06 -24.08 -3.12
N VAL A 335 4.88 -23.26 -2.09
CA VAL A 335 3.96 -22.13 -2.13
C VAL A 335 4.56 -21.00 -2.98
N ASP A 336 3.74 -20.47 -3.88
CA ASP A 336 4.09 -19.29 -4.67
C ASP A 336 3.96 -18.01 -3.83
N PRO A 337 5.06 -17.29 -3.54
CA PRO A 337 4.95 -16.08 -2.73
C PRO A 337 4.73 -14.78 -3.49
N ARG A 338 4.60 -14.86 -4.83
CA ARG A 338 4.46 -13.65 -5.63
C ARG A 338 3.10 -12.99 -5.39
N ILE A 339 3.07 -11.64 -5.40
CA ILE A 339 1.82 -10.90 -5.32
C ILE A 339 1.10 -11.09 -6.65
N SER A 340 -0.20 -11.41 -6.56
CA SER A 340 -1.05 -11.50 -7.74
C SER A 340 -1.47 -10.10 -8.18
N ASN A 341 -1.80 -9.99 -9.46
CA ASN A 341 -2.34 -8.78 -10.04
C ASN A 341 -3.61 -8.41 -9.27
N VAL A 342 -4.49 -9.41 -8.99
CA VAL A 342 -5.81 -9.18 -8.43
C VAL A 342 -5.67 -8.57 -7.04
N PHE A 343 -4.68 -9.02 -6.27
CA PHE A 343 -4.41 -8.54 -4.93
C PHE A 343 -4.15 -7.03 -4.93
N THR A 344 -3.51 -6.52 -5.99
CA THR A 344 -3.13 -5.12 -6.00
C THR A 344 -4.41 -4.28 -6.18
N PHE A 345 -5.53 -4.91 -6.55
CA PHE A 345 -6.83 -4.22 -6.54
C PHE A 345 -7.60 -4.51 -5.26
N ALA A 346 -7.52 -5.76 -4.76
CA ALA A 346 -8.26 -6.14 -3.57
C ALA A 346 -7.83 -5.28 -2.38
N PHE A 347 -6.53 -4.99 -2.26
CA PHE A 347 -6.03 -4.21 -1.15
C PHE A 347 -6.42 -2.72 -1.26
N ARG A 348 -6.95 -2.27 -2.40
CA ARG A 348 -7.41 -0.90 -2.52
C ARG A 348 -8.64 -0.61 -1.65
N PHE A 349 -9.12 -1.63 -0.92
CA PHE A 349 -10.27 -1.44 -0.04
C PHE A 349 -9.98 -0.28 0.90
N GLY A 350 -8.69 -0.05 1.15
CA GLY A 350 -8.27 0.99 2.06
C GLY A 350 -8.73 2.38 1.61
N HIS A 351 -8.93 2.55 0.29
CA HIS A 351 -9.37 3.83 -0.26
C HIS A 351 -10.71 4.29 0.33
N MET A 352 -11.54 3.35 0.80
CA MET A 352 -12.84 3.66 1.38
C MET A 352 -12.73 3.83 2.89
N GLU A 353 -11.50 3.73 3.41
CA GLU A 353 -11.23 3.91 4.83
C GLU A 353 -10.58 5.25 5.14
N VAL A 354 -10.27 6.04 4.12
CA VAL A 354 -9.57 7.31 4.29
C VAL A 354 -10.61 8.40 4.61
N PRO A 355 -10.48 9.11 5.75
CA PRO A 355 -11.46 10.15 6.08
C PRO A 355 -11.06 11.45 5.42
N SER A 356 -11.91 12.46 5.53
CA SER A 356 -11.70 13.71 4.80
C SER A 356 -10.78 14.68 5.54
N THR A 357 -10.34 14.41 6.78
CA THR A 357 -9.49 15.38 7.47
C THR A 357 -8.41 14.69 8.32
N VAL A 358 -7.37 15.45 8.62
CA VAL A 358 -6.27 15.02 9.48
C VAL A 358 -6.07 16.03 10.61
N SER A 359 -5.87 15.52 11.83
CA SER A 359 -5.71 16.38 12.99
C SER A 359 -4.29 16.26 13.54
N ARG A 360 -3.80 17.40 14.09
CA ARG A 360 -2.63 17.43 14.95
C ARG A 360 -3.10 17.68 16.40
N LEU A 361 -2.56 16.92 17.35
CA LEU A 361 -2.99 16.95 18.74
C LEU A 361 -1.78 17.16 19.65
N ASP A 362 -1.98 17.86 20.77
CA ASP A 362 -0.90 18.13 21.71
C ASP A 362 -0.85 17.02 22.76
N GLU A 363 -0.09 17.26 23.85
CA GLU A 363 0.20 16.24 24.84
C GLU A 363 -1.02 15.89 25.71
N ASN A 364 -2.00 16.80 25.79
CA ASN A 364 -3.27 16.49 26.42
C ASN A 364 -4.26 16.02 25.35
N TYR A 365 -3.76 15.83 24.13
CA TYR A 365 -4.52 15.26 23.01
C TYR A 365 -5.68 16.18 22.69
N GLN A 366 -5.43 17.50 22.72
CA GLN A 366 -6.44 18.47 22.33
C GLN A 366 -5.94 19.17 21.08
N PRO A 367 -6.81 19.88 20.31
CA PRO A 367 -6.33 20.54 19.10
C PRO A 367 -4.99 21.20 19.35
N TRP A 368 -4.03 20.88 18.48
CA TRP A 368 -2.72 21.50 18.47
C TRP A 368 -2.71 22.71 17.52
N GLY A 369 -2.88 23.91 18.07
CA GLY A 369 -2.85 25.14 17.30
C GLY A 369 -4.22 25.48 16.72
N PRO A 370 -4.35 26.68 16.10
CA PRO A 370 -5.64 27.13 15.55
C PRO A 370 -6.15 26.39 14.31
N GLU A 371 -5.21 25.79 13.56
CA GLU A 371 -5.50 25.05 12.34
C GLU A 371 -5.08 23.59 12.55
N ALA A 372 -5.47 23.01 13.69
CA ALA A 372 -5.07 21.67 14.08
C ALA A 372 -5.62 20.63 13.10
N GLU A 373 -6.84 20.87 12.60
CA GLU A 373 -7.49 20.00 11.63
C GLU A 373 -7.41 20.60 10.23
N LEU A 374 -7.09 19.75 9.23
CA LEU A 374 -6.85 20.20 7.86
C LEU A 374 -7.57 19.24 6.91
N PRO A 375 -8.05 19.71 5.74
CA PRO A 375 -8.64 18.84 4.74
C PRO A 375 -7.52 17.95 4.20
N LEU A 376 -7.85 16.68 3.95
CA LEU A 376 -6.87 15.72 3.48
C LEU A 376 -6.19 16.22 2.21
N HIS A 377 -6.93 16.85 1.28
CA HIS A 377 -6.34 17.20 -0.01
C HIS A 377 -5.17 18.18 0.11
N THR A 378 -5.12 18.98 1.18
CA THR A 378 -4.02 19.91 1.36
C THR A 378 -2.77 19.20 1.87
N LEU A 379 -2.88 17.88 2.14
CA LEU A 379 -1.78 17.14 2.72
C LEU A 379 -1.12 16.15 1.73
N PHE A 380 -1.59 16.06 0.49
CA PHE A 380 -0.86 15.27 -0.48
C PHE A 380 0.49 15.93 -0.74
N PHE A 381 1.54 15.11 -0.80
CA PHE A 381 2.87 15.57 -1.18
C PHE A 381 3.32 16.70 -0.26
N ASN A 382 2.95 16.60 1.03
CA ASN A 382 3.11 17.69 1.97
C ASN A 382 4.11 17.28 3.05
N THR A 383 5.35 17.77 2.88
CA THR A 383 6.41 17.51 3.83
C THR A 383 6.62 18.73 4.74
N TRP A 384 6.31 19.92 4.23
CA TRP A 384 6.65 21.12 4.96
C TRP A 384 5.85 21.21 6.26
N ARG A 385 4.62 20.67 6.25
CA ARG A 385 3.76 20.63 7.43
C ARG A 385 4.34 19.72 8.51
N ILE A 386 5.30 18.86 8.14
CA ILE A 386 6.06 18.12 9.12
C ILE A 386 7.25 18.98 9.57
N ILE A 387 8.08 19.37 8.59
CA ILE A 387 9.38 19.99 8.86
C ILE A 387 9.19 21.30 9.61
N LYS A 388 8.17 22.06 9.22
CA LYS A 388 8.01 23.44 9.67
C LYS A 388 6.85 23.61 10.66
N ASP A 389 6.08 22.56 10.96
CA ASP A 389 4.86 22.78 11.73
C ASP A 389 4.59 21.65 12.72
N GLY A 390 5.65 21.17 13.40
CA GLY A 390 5.48 20.43 14.64
C GLY A 390 6.16 19.06 14.68
N GLY A 391 6.76 18.64 13.55
CA GLY A 391 7.36 17.31 13.47
C GLY A 391 6.26 16.24 13.51
N ILE A 392 6.62 14.99 13.83
CA ILE A 392 5.65 13.92 13.59
C ILE A 392 4.79 13.67 14.82
N ASP A 393 5.19 14.18 15.99
CA ASP A 393 4.55 13.78 17.23
C ASP A 393 3.06 14.14 17.24
N PRO A 394 2.67 15.38 16.88
CA PRO A 394 1.27 15.76 16.79
C PRO A 394 0.41 14.93 15.83
N LEU A 395 1.00 14.51 14.71
CA LEU A 395 0.29 13.76 13.69
C LEU A 395 0.05 12.34 14.18
N VAL A 396 1.03 11.81 14.90
CA VAL A 396 0.95 10.45 15.44
C VAL A 396 -0.18 10.39 16.46
N ARG A 397 -0.37 11.46 17.25
CA ARG A 397 -1.44 11.44 18.24
C ARG A 397 -2.80 11.41 17.53
N GLY A 398 -2.91 12.15 16.43
CA GLY A 398 -4.07 12.07 15.57
C GLY A 398 -4.33 10.65 15.05
N LEU A 399 -3.28 9.96 14.61
CA LEU A 399 -3.41 8.58 14.17
C LEU A 399 -3.98 7.70 15.28
N LEU A 400 -3.67 8.01 16.54
CA LEU A 400 -4.12 7.19 17.66
C LEU A 400 -5.56 7.54 18.07
N ALA A 401 -5.92 8.83 18.04
CA ALA A 401 -7.10 9.31 18.74
C ALA A 401 -8.22 9.64 17.76
N LYS A 402 -7.89 9.72 16.47
CA LYS A 402 -8.89 9.94 15.45
C LYS A 402 -9.24 8.59 14.85
N LYS A 403 -10.29 8.57 14.02
CA LYS A 403 -10.86 7.34 13.50
C LYS A 403 -10.67 7.24 11.99
N SER A 404 -10.60 6.00 11.48
CA SER A 404 -10.70 5.74 10.06
C SER A 404 -12.12 6.05 9.60
N LYS A 405 -12.26 6.27 8.29
CA LYS A 405 -13.56 6.23 7.67
C LYS A 405 -14.00 4.76 7.71
N LEU A 406 -15.31 4.56 7.83
CA LEU A 406 -15.90 3.24 7.72
C LEU A 406 -16.43 3.08 6.29
N MET A 407 -16.19 1.91 5.69
CA MET A 407 -16.74 1.65 4.38
C MET A 407 -18.26 1.65 4.50
N ASN A 408 -18.93 2.20 3.49
CA ASN A 408 -20.37 2.44 3.49
C ASN A 408 -20.89 2.35 2.06
N GLN A 409 -21.88 1.48 1.82
CA GLN A 409 -22.40 1.30 0.48
C GLN A 409 -22.94 2.62 -0.10
N ASP A 410 -23.37 3.56 0.77
CA ASP A 410 -23.90 4.82 0.29
C ASP A 410 -22.85 5.95 0.38
N LYS A 411 -21.67 5.67 0.91
CA LYS A 411 -20.65 6.70 1.08
C LYS A 411 -19.26 6.06 0.94
N MET A 412 -18.84 5.78 -0.29
CA MET A 412 -17.72 4.88 -0.50
C MET A 412 -16.42 5.64 -0.35
N VAL A 413 -16.19 6.66 -1.19
CA VAL A 413 -14.90 7.33 -1.22
C VAL A 413 -15.07 8.83 -1.06
N THR A 414 -14.41 9.42 -0.06
CA THR A 414 -14.46 10.86 0.20
C THR A 414 -14.02 11.64 -1.03
N SER A 415 -14.66 12.80 -1.22
CA SER A 415 -14.43 13.64 -2.38
C SER A 415 -13.00 14.23 -2.34
N GLU A 416 -12.37 14.20 -1.18
CA GLU A 416 -10.97 14.59 -1.07
C GLU A 416 -10.11 13.72 -1.99
N LEU A 417 -10.47 12.44 -2.13
CA LEU A 417 -9.73 11.52 -3.00
C LEU A 417 -10.43 11.41 -4.34
N ARG A 418 -11.77 11.52 -4.33
CA ARG A 418 -12.55 11.27 -5.51
C ARG A 418 -12.60 12.50 -6.41
N ASN A 419 -12.34 13.69 -5.86
CA ASN A 419 -12.38 14.90 -6.68
C ASN A 419 -11.12 15.75 -6.55
N LYS A 420 -10.37 15.61 -5.46
CA LYS A 420 -9.32 16.58 -5.17
C LYS A 420 -7.93 15.94 -5.16
N LEU A 421 -7.77 14.73 -5.70
CA LEU A 421 -6.48 14.06 -5.69
C LEU A 421 -5.46 14.86 -6.51
N PHE A 422 -4.24 14.95 -6.00
CA PHE A 422 -3.14 15.54 -6.74
C PHE A 422 -2.24 14.39 -7.20
N GLN A 423 -1.81 14.48 -8.46
CA GLN A 423 -0.73 13.62 -8.93
C GLN A 423 0.41 14.43 -9.55
N PRO A 424 1.67 14.02 -9.30
CA PRO A 424 2.84 14.68 -9.90
C PRO A 424 2.77 14.87 -11.41
N THR A 425 3.19 16.06 -11.86
CA THR A 425 3.26 16.47 -13.27
C THR A 425 1.86 16.83 -13.79
N HIS A 426 0.84 16.84 -12.91
CA HIS A 426 -0.52 17.16 -13.34
C HIS A 426 -0.99 18.51 -12.77
N LYS A 427 -0.30 19.03 -11.74
CA LYS A 427 -0.42 20.42 -11.32
C LYS A 427 -1.69 20.72 -10.52
N ILE A 428 -2.76 19.91 -10.66
CA ILE A 428 -4.01 20.30 -10.02
C ILE A 428 -4.46 19.27 -8.98
N HIS A 429 -5.18 19.77 -7.96
CA HIS A 429 -5.87 18.92 -7.00
C HIS A 429 -7.26 18.62 -7.54
N GLY A 430 -7.33 17.82 -8.63
CA GLY A 430 -8.60 17.61 -9.30
C GLY A 430 -8.78 16.23 -9.94
N PHE A 431 -8.09 15.21 -9.43
CA PHE A 431 -8.21 13.85 -9.95
C PHE A 431 -9.14 13.02 -9.06
N ASP A 432 -9.38 11.78 -9.49
CA ASP A 432 -10.35 10.90 -8.87
C ASP A 432 -9.71 9.51 -8.70
N LEU A 433 -9.42 9.15 -7.45
CA LEU A 433 -8.79 7.87 -7.18
C LEU A 433 -9.69 6.70 -7.54
N ALA A 434 -11.00 6.86 -7.34
CA ALA A 434 -11.93 5.80 -7.65
C ALA A 434 -11.87 5.50 -9.15
N ALA A 435 -12.03 6.55 -9.97
CA ALA A 435 -12.02 6.40 -11.41
C ALA A 435 -10.71 5.78 -11.85
N ILE A 436 -9.59 6.21 -11.26
CA ILE A 436 -8.29 5.69 -11.60
C ILE A 436 -8.28 4.19 -11.30
N ASN A 437 -8.80 3.80 -10.12
CA ASN A 437 -8.76 2.40 -9.75
C ASN A 437 -9.48 1.51 -10.75
N LEU A 438 -10.65 1.99 -11.24
CA LEU A 438 -11.45 1.25 -12.18
C LEU A 438 -10.78 1.20 -13.55
N GLN A 439 -10.21 2.33 -13.99
CA GLN A 439 -9.45 2.34 -15.23
C GLN A 439 -8.26 1.39 -15.16
N ARG A 440 -7.66 1.27 -13.99
CA ARG A 440 -6.49 0.43 -13.80
C ARG A 440 -6.86 -1.04 -13.85
N CYS A 441 -8.07 -1.38 -13.39
CA CYS A 441 -8.52 -2.76 -13.41
C CYS A 441 -8.52 -3.20 -14.87
N ARG A 442 -9.04 -2.31 -15.72
CA ARG A 442 -9.15 -2.59 -17.14
C ARG A 442 -7.77 -2.67 -17.77
N ASP A 443 -6.94 -1.67 -17.45
CA ASP A 443 -5.54 -1.62 -17.84
C ASP A 443 -4.83 -2.96 -17.55
N HIS A 444 -5.08 -3.51 -16.36
CA HIS A 444 -4.40 -4.71 -15.90
C HIS A 444 -5.04 -6.00 -16.42
N GLY A 445 -6.10 -5.91 -17.23
CA GLY A 445 -6.74 -7.10 -17.79
C GLY A 445 -7.46 -7.92 -16.74
N MET A 446 -8.11 -7.25 -15.80
CA MET A 446 -8.72 -7.95 -14.67
C MET A 446 -9.94 -8.74 -15.12
N PRO A 447 -10.06 -10.04 -14.77
CA PRO A 447 -11.36 -10.71 -14.81
C PRO A 447 -12.38 -9.93 -13.97
N GLY A 448 -13.64 -10.04 -14.37
CA GLY A 448 -14.74 -9.35 -13.72
C GLY A 448 -15.22 -10.05 -12.47
N TYR A 449 -16.26 -9.48 -11.85
CA TYR A 449 -16.67 -9.84 -10.49
C TYR A 449 -17.05 -11.31 -10.38
N ASN A 450 -17.75 -11.88 -11.35
CA ASN A 450 -18.29 -13.24 -11.18
C ASN A 450 -17.20 -14.30 -11.39
N SER A 451 -16.23 -13.99 -12.24
CA SER A 451 -15.02 -14.79 -12.36
C SER A 451 -14.37 -14.98 -11.00
N TRP A 452 -14.23 -13.87 -10.25
CA TRP A 452 -13.58 -13.91 -8.94
C TRP A 452 -14.50 -14.53 -7.89
N ARG A 453 -15.82 -14.26 -7.93
CA ARG A 453 -16.76 -14.98 -7.10
C ARG A 453 -16.56 -16.48 -7.29
N GLY A 454 -16.48 -16.91 -8.55
CA GLY A 454 -16.26 -18.30 -8.92
C GLY A 454 -14.95 -18.85 -8.36
N PHE A 455 -13.86 -18.08 -8.52
CA PHE A 455 -12.56 -18.45 -7.98
C PHE A 455 -12.61 -18.72 -6.47
N CYS A 456 -13.44 -17.94 -5.76
CA CYS A 456 -13.50 -17.94 -4.30
C CYS A 456 -14.58 -18.90 -3.79
N GLY A 457 -15.28 -19.57 -4.72
CA GLY A 457 -16.27 -20.59 -4.37
C GLY A 457 -17.55 -19.94 -3.86
N LEU A 458 -17.91 -18.79 -4.45
CA LEU A 458 -19.06 -18.01 -4.02
C LEU A 458 -20.09 -17.94 -5.15
N SER A 459 -21.36 -17.80 -4.77
CA SER A 459 -22.43 -17.69 -5.76
C SER A 459 -22.08 -16.59 -6.76
N GLN A 460 -22.55 -16.77 -7.99
CA GLN A 460 -22.31 -15.85 -9.07
C GLN A 460 -23.65 -15.27 -9.53
N PRO A 461 -24.07 -14.11 -8.96
CA PRO A 461 -25.37 -13.49 -9.30
C PRO A 461 -25.42 -13.15 -10.78
N LYS A 462 -26.54 -13.46 -11.44
CA LYS A 462 -26.73 -13.14 -12.85
C LYS A 462 -27.84 -12.09 -13.04
N THR A 463 -28.74 -11.96 -12.06
CA THR A 463 -29.88 -11.06 -12.19
C THR A 463 -29.73 -9.90 -11.22
N LEU A 464 -30.48 -8.82 -11.44
CA LEU A 464 -30.62 -7.77 -10.45
C LEU A 464 -30.93 -8.36 -9.07
N LYS A 465 -31.96 -9.21 -8.97
CA LYS A 465 -32.42 -9.74 -7.69
C LYS A 465 -31.37 -10.65 -7.07
N GLY A 466 -30.63 -11.38 -7.92
CA GLY A 466 -29.48 -12.12 -7.43
C GLY A 466 -28.46 -11.17 -6.80
N LEU A 467 -28.18 -10.06 -7.49
CA LEU A 467 -27.19 -9.12 -7.02
C LEU A 467 -27.66 -8.40 -5.76
N GLN A 468 -28.97 -8.14 -5.68
CA GLN A 468 -29.54 -7.49 -4.51
C GLN A 468 -29.29 -8.33 -3.26
N THR A 469 -29.49 -9.65 -3.41
CA THR A 469 -29.33 -10.56 -2.28
C THR A 469 -27.87 -10.61 -1.82
N VAL A 470 -26.93 -10.67 -2.77
CA VAL A 470 -25.51 -10.73 -2.45
C VAL A 470 -25.04 -9.43 -1.78
N LEU A 471 -25.45 -8.27 -2.32
CA LEU A 471 -25.05 -6.98 -1.77
C LEU A 471 -25.90 -6.57 -0.57
N LYS A 472 -27.04 -7.25 -0.40
CA LYS A 472 -28.03 -6.88 0.61
C LYS A 472 -28.39 -5.41 0.48
N ASN A 473 -28.46 -4.91 -0.76
CA ASN A 473 -28.76 -3.52 -1.02
C ASN A 473 -29.40 -3.44 -2.39
N LYS A 474 -30.64 -2.95 -2.41
CA LYS A 474 -31.47 -2.95 -3.60
C LYS A 474 -31.03 -1.84 -4.56
N ILE A 475 -30.84 -0.63 -4.04
CA ILE A 475 -30.56 0.55 -4.86
C ILE A 475 -29.15 0.44 -5.45
N LEU A 476 -28.17 0.05 -4.62
CA LEU A 476 -26.81 -0.13 -5.09
C LEU A 476 -26.80 -1.17 -6.22
N ALA A 477 -27.46 -2.29 -6.00
CA ALA A 477 -27.48 -3.36 -7.00
C ALA A 477 -28.11 -2.84 -8.30
N LYS A 478 -29.13 -1.99 -8.16
CA LYS A 478 -29.82 -1.42 -9.30
C LYS A 478 -28.90 -0.47 -10.09
N LYS A 479 -28.21 0.42 -9.38
CA LYS A 479 -27.26 1.32 -10.02
C LYS A 479 -26.16 0.53 -10.74
N LEU A 480 -25.66 -0.51 -10.08
CA LEU A 480 -24.64 -1.37 -10.68
C LEU A 480 -25.16 -2.03 -11.96
N MET A 481 -26.42 -2.52 -11.94
CA MET A 481 -26.98 -3.18 -13.10
C MET A 481 -27.27 -2.15 -14.19
N ASP A 482 -27.62 -0.92 -13.80
CA ASP A 482 -27.92 0.12 -14.77
C ASP A 482 -26.65 0.45 -15.54
N LEU A 483 -25.52 0.45 -14.85
CA LEU A 483 -24.25 0.79 -15.44
C LEU A 483 -23.62 -0.42 -16.15
N TYR A 484 -23.66 -1.61 -15.55
CA TYR A 484 -22.91 -2.72 -16.12
C TYR A 484 -23.77 -3.69 -16.92
N LYS A 485 -25.08 -3.73 -16.65
CA LYS A 485 -26.06 -4.53 -17.39
C LYS A 485 -25.96 -6.01 -17.01
N THR A 486 -24.80 -6.42 -16.47
CA THR A 486 -24.60 -7.80 -16.03
C THR A 486 -23.55 -7.78 -14.93
N PRO A 487 -23.75 -8.56 -13.84
CA PRO A 487 -22.75 -8.66 -12.78
C PRO A 487 -21.42 -9.25 -13.25
N ASP A 488 -21.43 -10.02 -14.33
CA ASP A 488 -20.20 -10.53 -14.92
C ASP A 488 -19.25 -9.39 -15.32
N ASN A 489 -19.79 -8.21 -15.61
CA ASN A 489 -18.99 -7.11 -16.15
C ASN A 489 -18.52 -6.13 -15.06
N ILE A 490 -18.94 -6.35 -13.81
CA ILE A 490 -18.59 -5.42 -12.77
C ILE A 490 -17.09 -5.54 -12.47
N ASP A 491 -16.41 -4.39 -12.46
CA ASP A 491 -14.99 -4.31 -12.15
C ASP A 491 -14.75 -4.84 -10.74
N ILE A 492 -13.66 -5.60 -10.54
CA ILE A 492 -13.40 -6.29 -9.29
C ILE A 492 -13.29 -5.31 -8.11
N TRP A 493 -12.69 -4.15 -8.33
CA TRP A 493 -12.48 -3.18 -7.26
C TRP A 493 -13.83 -2.75 -6.66
N ILE A 494 -14.78 -2.39 -7.52
CA ILE A 494 -16.06 -1.86 -7.03
C ILE A 494 -16.94 -3.03 -6.59
N GLY A 495 -16.96 -4.12 -7.37
CA GLY A 495 -17.75 -5.28 -7.02
C GLY A 495 -17.38 -5.82 -5.66
N GLY A 496 -16.07 -5.99 -5.44
CA GLY A 496 -15.58 -6.52 -4.17
C GLY A 496 -15.91 -5.60 -3.00
N ASN A 497 -15.77 -4.29 -3.21
CA ASN A 497 -15.93 -3.31 -2.14
C ASN A 497 -17.41 -3.08 -1.83
N ALA A 498 -18.28 -3.48 -2.76
CA ALA A 498 -19.72 -3.30 -2.62
C ALA A 498 -20.32 -4.28 -1.61
N GLU A 499 -19.64 -5.39 -1.32
CA GLU A 499 -20.21 -6.46 -0.53
C GLU A 499 -20.14 -6.11 0.96
N PRO A 500 -21.22 -6.34 1.74
CA PRO A 500 -21.19 -6.05 3.18
C PRO A 500 -20.04 -6.79 3.86
N MET A 501 -19.56 -6.22 4.95
CA MET A 501 -18.38 -6.70 5.64
C MET A 501 -18.68 -7.94 6.47
N VAL A 502 -17.72 -8.88 6.51
CA VAL A 502 -17.81 -10.10 7.30
C VAL A 502 -17.80 -9.75 8.79
N GLU A 503 -18.37 -10.63 9.62
CA GLU A 503 -18.37 -10.43 11.05
C GLU A 503 -16.93 -10.19 11.50
N ARG A 504 -16.75 -9.10 12.27
CA ARG A 504 -15.51 -8.75 12.94
C ARG A 504 -14.42 -8.31 11.96
N GLY A 505 -14.80 -8.02 10.71
CA GLY A 505 -13.83 -7.62 9.70
C GLY A 505 -14.22 -6.30 9.06
N ARG A 506 -13.49 -5.89 8.01
CA ARG A 506 -13.76 -4.63 7.33
C ARG A 506 -13.74 -4.84 5.82
N VAL A 507 -13.81 -6.11 5.38
CA VAL A 507 -14.07 -6.40 3.99
C VAL A 507 -15.16 -7.47 3.90
N GLY A 508 -15.72 -7.63 2.71
CA GLY A 508 -16.74 -8.63 2.45
C GLY A 508 -16.13 -9.99 2.16
N PRO A 509 -16.94 -11.01 1.78
CA PRO A 509 -16.45 -12.37 1.55
C PRO A 509 -15.44 -12.55 0.43
N LEU A 510 -15.71 -11.90 -0.71
CA LEU A 510 -14.87 -12.02 -1.89
C LEU A 510 -13.48 -11.48 -1.56
N LEU A 511 -13.43 -10.25 -1.03
CA LEU A 511 -12.16 -9.64 -0.67
C LEU A 511 -11.46 -10.42 0.44
N ALA A 512 -12.19 -10.95 1.42
CA ALA A 512 -11.55 -11.74 2.47
C ALA A 512 -10.82 -12.95 1.88
N CYS A 513 -11.46 -13.62 0.92
CA CYS A 513 -10.88 -14.74 0.19
C CYS A 513 -9.64 -14.30 -0.59
N LEU A 514 -9.74 -13.23 -1.40
CA LEU A 514 -8.61 -12.79 -2.21
C LEU A 514 -7.44 -12.33 -1.32
N LEU A 515 -7.71 -11.49 -0.30
CA LEU A 515 -6.67 -11.03 0.59
C LEU A 515 -6.14 -12.21 1.41
N GLY A 516 -7.06 -13.04 1.91
CA GLY A 516 -6.72 -14.14 2.80
C GLY A 516 -5.69 -15.08 2.15
N ARG A 517 -5.95 -15.47 0.90
CA ARG A 517 -5.08 -16.35 0.15
C ARG A 517 -3.72 -15.70 -0.04
N GLN A 518 -3.70 -14.42 -0.45
CA GLN A 518 -2.44 -13.78 -0.76
C GLN A 518 -1.54 -13.75 0.46
N PHE A 519 -2.11 -13.32 1.60
CA PHE A 519 -1.32 -13.21 2.82
C PHE A 519 -0.83 -14.57 3.29
N GLN A 520 -1.67 -15.59 3.17
CA GLN A 520 -1.26 -16.95 3.51
C GLN A 520 0.03 -17.30 2.75
N GLN A 521 0.03 -16.96 1.47
CA GLN A 521 1.11 -17.29 0.56
C GLN A 521 2.38 -16.49 0.87
N ILE A 522 2.24 -15.20 1.21
CA ILE A 522 3.33 -14.32 1.64
CA ILE A 522 3.44 -14.44 1.51
C ILE A 522 4.05 -14.93 2.83
N ARG A 523 3.26 -15.50 3.74
CA ARG A 523 3.83 -16.04 4.95
C ARG A 523 4.44 -17.41 4.67
N ASP A 524 3.63 -18.32 4.12
CA ASP A 524 4.02 -19.72 3.98
C ASP A 524 5.13 -19.89 2.93
N GLY A 525 5.22 -18.97 1.96
CA GLY A 525 6.18 -19.06 0.88
C GLY A 525 7.47 -18.28 1.16
N ASP A 526 7.66 -17.81 2.42
CA ASP A 526 8.78 -16.96 2.78
C ASP A 526 9.81 -17.74 3.61
N ARG A 527 11.04 -17.90 3.08
CA ARG A 527 12.07 -18.66 3.77
C ARG A 527 12.58 -17.92 5.01
N PHE A 528 12.38 -16.59 5.01
CA PHE A 528 12.90 -15.74 6.08
C PHE A 528 11.77 -15.24 6.98
N TRP A 529 10.59 -15.86 6.91
CA TRP A 529 9.56 -15.58 7.90
C TRP A 529 10.13 -15.65 9.32
N TRP A 530 9.73 -14.71 10.18
CA TRP A 530 10.34 -14.54 11.51
C TRP A 530 10.21 -15.81 12.36
N GLU A 531 9.12 -16.57 12.19
CA GLU A 531 8.86 -17.79 12.94
C GLU A 531 9.41 -19.06 12.27
N ASN A 532 9.96 -18.94 11.06
CA ASN A 532 10.54 -20.11 10.45
C ASN A 532 11.69 -20.56 11.34
N PRO A 533 11.69 -21.82 11.84
CA PRO A 533 12.84 -22.35 12.57
C PRO A 533 14.14 -22.09 11.80
N GLY A 534 15.11 -21.50 12.52
CA GLY A 534 16.43 -21.21 11.98
C GLY A 534 16.63 -19.73 11.71
N VAL A 535 15.54 -18.99 11.44
CA VAL A 535 15.67 -17.59 11.10
C VAL A 535 16.09 -16.84 12.36
N PHE A 536 15.31 -16.95 13.43
CA PHE A 536 15.68 -16.40 14.73
C PHE A 536 15.90 -17.53 15.74
N THR A 537 16.63 -17.23 16.83
CA THR A 537 16.77 -18.19 17.93
C THR A 537 15.46 -18.23 18.72
N GLU A 538 15.31 -19.31 19.50
CA GLU A 538 14.21 -19.51 20.43
C GLU A 538 13.98 -18.24 21.24
N LYS A 539 15.08 -17.69 21.78
CA LYS A 539 15.04 -16.61 22.77
C LYS A 539 14.80 -15.27 22.10
N GLN A 540 15.40 -15.08 20.91
CA GLN A 540 15.12 -13.93 20.09
C GLN A 540 13.62 -13.86 19.78
N ARG A 541 13.07 -15.01 19.39
CA ARG A 541 11.65 -15.11 19.08
C ARG A 541 10.76 -14.77 20.28
N ASP A 542 11.21 -15.11 21.50
CA ASP A 542 10.40 -14.84 22.68
C ASP A 542 10.33 -13.34 22.92
N SER A 543 11.40 -12.62 22.57
CA SER A 543 11.44 -11.16 22.68
C SER A 543 10.57 -10.51 21.61
N LEU A 544 10.58 -11.07 20.40
CA LEU A 544 9.84 -10.44 19.27
C LEU A 544 8.33 -10.57 19.49
N GLN A 545 7.90 -11.62 20.19
CA GLN A 545 6.46 -11.81 20.48
C GLN A 545 5.94 -10.62 21.30
N LYS A 546 6.83 -9.83 21.89
CA LYS A 546 6.40 -8.73 22.78
C LYS A 546 6.55 -7.39 22.04
N VAL A 547 6.53 -7.39 20.72
CA VAL A 547 6.56 -6.10 19.97
C VAL A 547 5.14 -5.55 19.87
N SER A 548 5.01 -4.23 19.85
CA SER A 548 3.70 -3.63 19.62
C SER A 548 3.90 -2.29 18.91
N PHE A 549 2.83 -1.76 18.29
CA PHE A 549 2.93 -0.48 17.63
C PHE A 549 3.00 0.63 18.70
N SER A 550 2.22 0.46 19.76
CA SER A 550 2.28 1.36 20.90
C SER A 550 3.73 1.63 21.27
N ARG A 551 4.51 0.55 21.38
CA ARG A 551 5.90 0.61 21.84
C ARG A 551 6.80 1.23 20.78
N LEU A 552 6.48 1.04 19.48
CA LEU A 552 7.23 1.69 18.42
C LEU A 552 7.17 3.20 18.61
N ILE A 553 5.97 3.71 18.90
CA ILE A 553 5.72 5.12 19.12
C ILE A 553 6.49 5.64 20.33
N CYS A 554 6.46 4.90 21.45
CA CYS A 554 7.09 5.36 22.68
C CYS A 554 8.59 5.53 22.49
N ASP A 555 9.22 4.54 21.85
CA ASP A 555 10.67 4.50 21.64
C ASP A 555 11.14 5.47 20.56
N ASN A 556 10.26 6.02 19.71
CA ASN A 556 10.69 6.74 18.51
C ASN A 556 9.99 8.09 18.35
N THR A 557 9.27 8.55 19.38
CA THR A 557 8.74 9.90 19.49
C THR A 557 9.03 10.41 20.92
N HIS A 558 8.44 11.54 21.32
CA HIS A 558 8.43 11.92 22.73
C HIS A 558 7.00 11.85 23.24
N ILE A 559 6.27 10.81 22.81
CA ILE A 559 4.91 10.58 23.27
C ILE A 559 5.02 9.57 24.40
N THR A 560 4.30 9.80 25.50
CA THR A 560 4.43 8.97 26.70
C THR A 560 3.07 8.44 27.13
N LYS A 561 2.02 8.74 26.36
CA LYS A 561 0.69 8.20 26.61
C LYS A 561 0.14 7.57 25.32
N VAL A 562 -0.14 6.26 25.36
CA VAL A 562 -0.53 5.49 24.18
C VAL A 562 -1.58 4.44 24.55
N PRO A 563 -2.44 3.98 23.62
CA PRO A 563 -3.33 2.86 23.88
C PRO A 563 -2.49 1.58 23.89
N LEU A 564 -3.10 0.51 24.39
CA LEU A 564 -2.48 -0.80 24.32
C LEU A 564 -2.79 -1.43 22.97
N HIS A 565 -4.00 -1.14 22.45
CA HIS A 565 -4.45 -1.70 21.18
C HIS A 565 -4.67 -0.53 20.21
N ALA A 566 -3.65 -0.18 19.41
CA ALA A 566 -3.64 1.07 18.66
C ALA A 566 -4.60 1.07 17.46
N PHE A 567 -4.94 -0.10 16.92
CA PHE A 567 -5.81 -0.15 15.75
C PHE A 567 -7.28 0.00 16.15
N GLN A 568 -7.58 -0.24 17.42
CA GLN A 568 -8.91 0.02 17.95
C GLN A 568 -9.18 1.53 17.95
N ALA A 569 -10.44 1.91 18.02
CA ALA A 569 -10.78 3.29 18.27
C ALA A 569 -10.50 3.59 19.74
N ASN A 570 -9.61 4.55 20.00
CA ASN A 570 -9.19 4.88 21.34
C ASN A 570 -9.46 6.35 21.65
N ASN A 571 -10.02 6.59 22.84
CA ASN A 571 -10.33 7.93 23.31
C ASN A 571 -9.44 8.24 24.50
N TYR A 572 -8.86 9.44 24.50
CA TYR A 572 -8.01 9.90 25.59
C TYR A 572 -8.86 10.68 26.58
N PRO A 573 -8.62 10.58 27.91
CA PRO A 573 -7.50 9.83 28.46
C PRO A 573 -7.81 8.41 28.92
N HIS A 574 -9.07 7.99 28.73
CA HIS A 574 -9.56 6.77 29.36
C HIS A 574 -8.84 5.53 28.82
N ASP A 575 -8.71 5.42 27.49
CA ASP A 575 -8.18 4.21 26.88
C ASP A 575 -6.66 4.29 26.76
N PHE A 576 -6.05 5.35 27.31
CA PHE A 576 -4.63 5.62 27.17
C PHE A 576 -3.91 5.37 28.49
N VAL A 577 -2.65 4.87 28.39
CA VAL A 577 -1.81 4.52 29.52
C VAL A 577 -0.43 5.13 29.32
N ASP A 578 0.35 5.21 30.41
CA ASP A 578 1.71 5.72 30.31
C ASP A 578 2.59 4.69 29.61
N CYS A 579 3.63 5.16 28.91
CA CYS A 579 4.53 4.32 28.14
C CYS A 579 5.22 3.26 29.00
N SER A 580 5.35 3.52 30.31
CA SER A 580 6.03 2.58 31.19
C SER A 580 5.21 1.32 31.40
N THR A 581 3.91 1.37 31.07
CA THR A 581 3.03 0.20 31.17
C THR A 581 3.35 -0.84 30.10
N VAL A 582 4.02 -0.42 29.02
CA VAL A 582 4.07 -1.20 27.79
C VAL A 582 5.36 -2.01 27.71
N ASP A 583 5.25 -3.27 27.26
CA ASP A 583 6.43 -4.10 27.04
C ASP A 583 7.39 -3.41 26.08
N LYS A 584 8.69 -3.59 26.32
CA LYS A 584 9.73 -3.21 25.39
C LYS A 584 10.19 -4.44 24.61
N LEU A 585 10.91 -4.20 23.52
CA LEU A 585 11.60 -5.28 22.83
C LEU A 585 12.93 -5.51 23.54
N ASP A 586 13.10 -6.73 24.05
CA ASP A 586 14.30 -7.08 24.79
C ASP A 586 15.35 -7.63 23.83
N LEU A 587 16.44 -6.86 23.64
CA LEU A 587 17.48 -7.20 22.68
C LEU A 587 18.60 -8.07 23.29
N SER A 588 18.42 -8.52 24.54
CA SER A 588 19.43 -9.34 25.21
C SER A 588 19.78 -10.56 24.37
N PRO A 589 18.81 -11.29 23.80
CA PRO A 589 19.13 -12.50 23.05
C PRO A 589 19.94 -12.33 21.76
N TRP A 590 20.24 -11.08 21.39
CA TRP A 590 21.12 -10.76 20.27
C TRP A 590 22.55 -10.49 20.74
N ALA A 591 22.86 -10.84 22.00
CA ALA A 591 24.18 -10.62 22.56
C ALA A 591 25.17 -11.55 21.87
N SER A 592 26.15 -10.95 21.18
CA SER A 592 27.12 -11.64 20.34
C SER A 592 26.92 -13.15 20.44
N ARG A 593 27.54 -13.79 21.46
CA ARG A 593 27.32 -15.21 21.74
C ARG A 593 27.62 -15.47 23.21
N GLU A 594 26.97 -16.51 23.77
CA GLU A 594 26.78 -16.66 25.20
C GLU A 594 28.03 -17.25 25.85
N ASN A 595 27.97 -17.43 27.18
CA ASN A 595 29.08 -17.95 27.96
C ASN A 595 29.01 -19.48 27.98
C1 NAG B . 3.66 27.70 2.41
C2 NAG B . 2.21 27.98 2.80
C3 NAG B . 2.13 29.21 3.71
C4 NAG B . 3.05 29.03 4.90
C5 NAG B . 4.48 28.72 4.42
C6 NAG B . 5.51 28.37 5.47
C7 NAG B . 0.46 27.08 1.32
C8 NAG B . -0.52 27.36 0.23
N2 NAG B . 1.25 28.10 1.71
O3 NAG B . 0.79 29.45 4.12
O4 NAG B . 2.98 30.24 5.67
O5 NAG B . 4.43 27.54 3.59
O6 NAG B . 6.64 27.73 4.90
O7 NAG B . 0.54 25.97 1.83
C1 NAG B . 3.63 30.26 6.91
C2 NAG B . 4.16 31.68 6.84
C3 NAG B . 3.83 32.40 8.16
C4 NAG B . 2.63 31.83 8.91
C5 NAG B . 1.68 30.99 8.04
C6 NAG B . 0.99 31.81 6.94
C7 NAG B . 6.02 32.35 5.44
C8 NAG B . 7.46 32.13 5.08
N2 NAG B . 5.58 31.74 6.54
O3 NAG B . 3.64 33.79 7.88
O4 NAG B . 3.11 31.05 10.01
O5 NAG B . 2.37 29.86 7.43
O6 NAG B . -0.07 32.62 7.46
O7 NAG B . 5.26 33.05 4.76
CHA HEM C . -2.70 2.71 -5.35
CHB HEM C . -3.35 7.04 -3.36
CHC HEM C . -4.47 4.95 0.90
CHD HEM C . -3.72 0.64 -1.08
C1A HEM C . -2.83 4.04 -5.16
C2A HEM C . -2.56 4.98 -6.19
C3A HEM C . -2.73 6.19 -5.64
C4A HEM C . -3.08 6.01 -4.25
CMA HEM C . -2.55 7.51 -6.37
CAA HEM C . -2.14 4.71 -7.62
CBA HEM C . -3.38 4.57 -8.46
CGA HEM C . -3.18 4.01 -9.85
O1A HEM C . -2.52 4.68 -10.67
O2A HEM C . -3.77 2.93 -10.20
C1B HEM C . -3.70 6.81 -2.01
C2B HEM C . -3.82 7.87 -1.05
C3B HEM C . -4.10 7.34 0.17
C4B HEM C . -4.18 5.88 -0.08
CMB HEM C . -3.69 9.35 -1.31
CAB HEM C . -4.41 8.03 1.44
CBB HEM C . -4.63 9.35 1.58
C1C HEM C . -4.40 3.58 0.74
C2C HEM C . -4.70 2.64 1.73
C3C HEM C . -4.49 1.39 1.16
C4C HEM C . -4.05 1.62 -0.18
CMC HEM C . -5.17 2.99 3.12
CAC HEM C . -4.67 0.06 1.73
CBC HEM C . -5.17 -0.20 2.94
C1D HEM C . -3.35 0.88 -2.42
C2D HEM C . -2.85 -0.15 -3.28
C3D HEM C . -2.56 0.41 -4.44
C4D HEM C . -2.89 1.83 -4.26
CMD HEM C . -2.67 -1.63 -3.12
CAD HEM C . -2.02 -0.33 -5.66
CBD HEM C . -0.46 -0.32 -5.57
CGD HEM C . 0.23 -1.01 -6.75
O1D HEM C . 0.47 -2.27 -6.80
O2D HEM C . 0.57 -0.26 -7.70
NA HEM C . -3.18 4.67 -3.97
NB HEM C . -3.91 5.65 -1.38
NC HEM C . -4.03 2.95 -0.39
ND HEM C . -3.32 2.07 -3.03
FE HEM C . -3.82 3.77 -2.27
CA CA D . 8.37 -6.22 0.19
C1 NAG E . 26.21 9.09 9.85
C2 NAG E . 25.54 10.47 9.63
C3 NAG E . 26.34 11.57 10.32
C4 NAG E . 26.53 11.20 11.79
C5 NAG E . 27.43 9.97 11.83
C6 NAG E . 27.61 9.45 13.24
C7 NAG E . 24.05 10.78 7.68
C8 NAG E . 23.92 11.55 6.40
N2 NAG E . 25.28 10.76 8.23
O3 NAG E . 25.64 12.81 10.21
O4 NAG E . 27.08 12.30 12.53
O5 NAG E . 26.86 8.85 11.09
O6 NAG E . 26.35 9.11 13.80
O7 NAG E . 23.07 10.20 8.16
C1 NAG F . 2.80 -26.79 0.43
C2 NAG F . 2.26 -28.19 0.74
C3 NAG F . 1.35 -28.72 -0.36
C4 NAG F . 0.35 -27.68 -0.81
C5 NAG F . 1.09 -26.45 -1.32
C6 NAG F . 0.13 -25.32 -1.72
C7 NAG F . 3.96 -29.16 2.18
C8 NAG F . 5.44 -29.44 2.11
N2 NAG F . 3.32 -29.13 1.01
O3 NAG F . 0.70 -29.87 0.14
O4 NAG F . -0.46 -28.24 -1.85
O5 NAG F . 1.93 -25.91 -0.29
O6 NAG F . 0.66 -24.50 -2.75
O7 NAG F . 3.38 -28.94 3.23
C1 NAG G . -13.74 -3.40 18.63
C2 NAG G . -14.68 -4.31 19.40
C3 NAG G . -13.90 -5.25 20.30
C4 NAG G . -12.95 -6.08 19.44
C5 NAG G . -12.04 -5.18 18.61
C6 NAG G . -11.33 -5.96 17.52
C7 NAG G . -17.05 -3.86 19.80
C8 NAG G . -17.57 -3.31 18.50
N2 NAG G . -15.76 -3.61 20.08
O3 NAG G . -14.82 -6.07 21.00
O4 NAG G . -12.15 -6.94 20.23
O5 NAG G . -12.74 -4.12 17.92
O6 NAG G . -9.92 -5.81 17.61
O7 NAG G . -17.75 -4.51 20.56
I IOD H . 5.71 17.99 -9.60
I IOD H . 4.67 18.25 -10.51
I IOD I . -4.70 -12.18 -11.19
I IOD J . 2.58 -13.62 13.66
I IOD K . -22.44 11.22 -14.17
I IOD L . 18.25 5.65 -6.71
I IOD M . -29.18 -15.20 -9.80
I IOD N . -5.54 22.98 -2.47
I IOD O . 19.20 15.84 3.56
I IOD P . -4.35 -3.16 18.00
I IOD Q . 0.55 6.14 -3.93
I IOD R . 3.99 8.93 -5.83
I IOD R . 1.28 8.55 -5.89
I IOD S . -15.91 -5.10 14.69
I IOD T . -4.62 -20.17 -14.37
I IOD U . -17.32 17.49 -8.85
S SCN V . 0.41 6.16 -2.94
C SCN V . 0.88 6.47 -4.40
N SCN V . 1.25 6.73 -5.45
S SCN W . -5.86 23.26 -3.85
C SCN W . -4.70 22.81 -2.86
N SCN W . -3.84 22.60 -2.10
S SCN X . 20.89 5.50 -7.26
C SCN X . 21.18 6.83 -8.02
N SCN X . 21.49 7.82 -8.52
S SCN Y . -14.58 -5.41 15.21
C SCN Y . -15.59 -4.19 15.17
N SCN Y . -16.37 -3.32 15.11
S SCN Z . -3.17 -3.63 17.99
C SCN Z . -4.74 -3.53 17.85
N SCN Z . -5.91 -3.71 17.66
S SCN AA . 15.16 -24.34 0.63
C SCN AA . 13.92 -25.17 1.09
N SCN AA . 13.00 -25.65 1.58
I IOD BA . 20.02 -0.92 -9.41
O1 PEO CA . -2.17 4.07 -1.83
O2 PEO CA . -0.73 3.92 -1.92
S SCN DA . 10.38 13.21 -5.73
C SCN DA . 9.73 12.02 -4.95
N SCN DA . 9.32 11.09 -4.42
C1 GOL EA . 0.75 13.19 24.55
O1 GOL EA . 1.85 13.93 24.05
C2 GOL EA . 1.17 12.30 25.68
O2 GOL EA . 1.22 10.95 25.24
C3 GOL EA . 2.53 12.67 26.23
O3 GOL EA . 3.52 12.40 25.26
C1 GOL FA . -9.65 18.90 15.19
O1 GOL FA . -8.64 19.68 14.57
C2 GOL FA . -9.07 18.05 16.30
O2 GOL FA . -7.77 18.54 16.62
C3 GOL FA . -9.95 18.00 17.55
O3 GOL FA . -9.42 17.14 18.55
I IOD GA . 1.99 12.44 25.02
I IOD HA . -8.66 18.46 15.97
I IOD IA . -10.65 21.44 8.22
#